data_5HTO
#
_entry.id   5HTO
#
_cell.length_a   85.512
_cell.length_b   86.539
_cell.length_c   209.128
_cell.angle_alpha   90.000
_cell.angle_beta   90.000
_cell.angle_gamma   90.000
#
_symmetry.space_group_name_H-M   'P 21 21 21'
#
loop_
_entity.id
_entity.type
_entity.pdbx_description
1 polymer 'L-lactate dehydrogenase'
2 polymer 'DNA (34-MER)'
3 polymer 'DNA (30-MER)'
4 non-polymer 'MAGNESIUM ION'
5 water water
#
loop_
_entity_poly.entity_id
_entity_poly.type
_entity_poly.pdbx_seq_one_letter_code
_entity_poly.pdbx_strand_id
1 'polypeptide(L)'
;MGSSHHHHHHSSGLVPRGSHMENLYFQRGSMTPKPKIVLVGSGMIGGVMATLIVQKNLGDVVMFDVVKNMPQGKALDTSH
SNVMAYSNCKVTGSNSYDDLKGADVVIVTAGFTKAPGKSDKEWNRDDLLPLNNKIMIEIGGHIKNLCPNAFIIVVTNPVD
VMVQLLFEHSGVPKNKIIGLGGVLDTSRLKYYISQKLNVCPRDVNALIVGAHGNKMVLLKRYITVGGIPLQEFINNKKIT
DEEVEGIFDRTVNTALEIVNLLASPYVAPAAAIIEMAESYLKDIKKVLVCSTLLEGQYGHSNIFGGTPLVIGGTGVEQVI
ELQLNAEEKTKFDEAVAETKRMKALI
;
A,B,D,E
2 'polydeoxyribonucleotide'
;(DT)(DT)(DC)(DG)(DA)(DT)(DT)(DG)(DG)(DA)(DT)(DT)(DG)(DT)(DG)(DC)(DC)(DG)(DG)(DA)
(DA)(DG)(DT)(DG)(DC)(DT)(DG)(DG)(DC)(DT)(DC)(DG)(DA)(DA)
;
C
3 'polydeoxyribonucleotide'
;(DC)(DG)(DA)(DT)(DT)(DG)(DG)(DA)(DT)(DT)(DG)(DT)(DG)(DC)(DC)(DG)(DG)(DA)(DA)(DG)
(DT)(DG)(DC)(DT)(DG)(DG)(DC)(DT)(DC)(DG)
;
F
#
# COMPACT_ATOMS: atom_id res chain seq x y z
N LYS A 34 -10.33 16.61 -3.58
CA LYS A 34 -9.86 15.48 -4.37
C LYS A 34 -9.45 15.97 -5.76
N PRO A 35 -8.23 15.60 -6.20
CA PRO A 35 -7.80 15.98 -7.55
C PRO A 35 -8.75 15.47 -8.62
N LYS A 36 -8.88 16.24 -9.70
CA LYS A 36 -9.61 15.79 -10.88
C LYS A 36 -8.62 15.47 -12.01
N ILE A 37 -8.68 14.23 -12.48
CA ILE A 37 -7.78 13.74 -13.50
C ILE A 37 -8.57 13.42 -14.75
N VAL A 38 -8.26 14.08 -15.85
CA VAL A 38 -9.00 13.84 -17.08
C VAL A 38 -8.12 13.08 -18.08
N LEU A 39 -8.61 11.92 -18.48
CA LEU A 39 -7.92 11.10 -19.46
C LEU A 39 -8.50 11.45 -20.83
N VAL A 40 -7.74 12.22 -21.61
CA VAL A 40 -8.17 12.56 -22.96
C VAL A 40 -7.70 11.44 -23.89
N GLY A 41 -8.59 10.46 -24.06
CA GLY A 41 -8.30 9.21 -24.73
C GLY A 41 -8.55 8.07 -23.78
N SER A 42 -9.47 7.18 -24.11
CA SER A 42 -9.87 6.11 -23.21
C SER A 42 -9.68 4.76 -23.86
N GLY A 43 -8.58 4.62 -24.61
CA GLY A 43 -8.21 3.36 -25.21
C GLY A 43 -7.66 2.41 -24.16
N MET A 44 -6.80 1.48 -24.56
CA MET A 44 -6.36 0.46 -23.62
C MET A 44 -5.44 1.05 -22.56
N ILE A 45 -4.59 1.99 -22.98
CA ILE A 45 -3.73 2.65 -22.00
C ILE A 45 -4.59 3.48 -21.01
N GLY A 46 -5.63 4.15 -21.52
CA GLY A 46 -6.55 4.89 -20.68
C GLY A 46 -7.21 3.97 -19.65
N GLY A 47 -7.61 2.77 -20.08
CA GLY A 47 -8.26 1.82 -19.19
C GLY A 47 -7.33 1.43 -18.05
N VAL A 48 -6.08 1.12 -18.40
CA VAL A 48 -5.18 0.75 -17.29
C VAL A 48 -4.90 1.94 -16.37
N MET A 49 -4.77 3.15 -16.93
CA MET A 49 -4.58 4.32 -16.08
C MET A 49 -5.73 4.51 -15.10
N ALA A 50 -6.95 4.40 -15.58
CA ALA A 50 -8.11 4.59 -14.70
C ALA A 50 -8.10 3.52 -13.59
N THR A 51 -7.80 2.27 -13.99
CA THR A 51 -7.70 1.18 -13.00
C THR A 51 -6.69 1.52 -11.91
N LEU A 52 -5.49 1.95 -12.30
CA LEU A 52 -4.43 2.26 -11.34
C LEU A 52 -4.76 3.47 -10.47
N ILE A 53 -5.46 4.45 -11.04
CA ILE A 53 -5.84 5.62 -10.26
C ILE A 53 -6.80 5.18 -9.17
N VAL A 54 -7.74 4.30 -9.48
CA VAL A 54 -8.61 3.81 -8.41
C VAL A 54 -7.85 2.97 -7.37
N GLN A 55 -6.97 2.07 -7.85
CA GLN A 55 -6.16 1.28 -6.90
C GLN A 55 -5.38 2.12 -5.89
N LYS A 56 -4.90 3.27 -6.34
CA LYS A 56 -4.06 4.15 -5.52
C LYS A 56 -4.84 5.30 -4.88
N ASN A 57 -6.14 5.32 -5.12
CA ASN A 57 -7.04 6.35 -4.61
C ASN A 57 -6.55 7.77 -4.92
N LEU A 58 -6.09 8.00 -6.15
CA LEU A 58 -5.38 9.24 -6.48
C LEU A 58 -6.27 10.44 -6.78
N GLY A 59 -7.47 10.19 -7.31
CA GLY A 59 -8.36 11.29 -7.59
C GLY A 59 -9.59 10.85 -8.37
N ASP A 60 -10.53 11.76 -8.58
CA ASP A 60 -11.66 11.51 -9.46
C ASP A 60 -11.15 11.43 -10.90
N VAL A 61 -11.81 10.64 -11.72
CA VAL A 61 -11.37 10.36 -13.08
C VAL A 61 -12.45 10.61 -14.10
N VAL A 62 -12.15 11.41 -15.12
CA VAL A 62 -13.00 11.50 -16.29
C VAL A 62 -12.32 10.77 -17.46
N MET A 63 -12.97 9.75 -17.99
CA MET A 63 -12.48 9.03 -19.16
C MET A 63 -13.15 9.63 -20.37
N PHE A 64 -12.40 10.46 -21.10
CA PHE A 64 -12.91 11.11 -22.29
C PHE A 64 -12.47 10.35 -23.53
N ASP A 65 -13.35 10.27 -24.51
CA ASP A 65 -12.96 9.78 -25.83
C ASP A 65 -13.90 10.38 -26.85
N VAL A 66 -13.47 10.51 -28.10
CA VAL A 66 -14.40 10.92 -29.15
C VAL A 66 -15.34 9.77 -29.54
N VAL A 67 -14.95 8.53 -29.25
CA VAL A 67 -15.82 7.39 -29.49
C VAL A 67 -16.97 7.40 -28.49
N LYS A 68 -18.21 7.43 -29.00
CA LYS A 68 -19.40 7.51 -28.17
C LYS A 68 -19.63 6.25 -27.34
N ASN A 69 -20.12 6.45 -26.12
CA ASN A 69 -20.59 5.38 -25.22
C ASN A 69 -19.48 4.51 -24.60
N MET A 70 -18.48 4.13 -25.38
CA MET A 70 -17.39 3.28 -24.90
C MET A 70 -16.75 3.75 -23.57
N PRO A 71 -16.40 5.06 -23.46
CA PRO A 71 -15.77 5.44 -22.19
C PRO A 71 -16.74 5.43 -21.01
N GLN A 72 -18.02 5.66 -21.25
CA GLN A 72 -19.01 5.55 -20.19
C GLN A 72 -19.07 4.10 -19.69
N GLY A 73 -18.96 3.14 -20.62
CA GLY A 73 -18.93 1.73 -20.26
C GLY A 73 -17.69 1.32 -19.46
N LYS A 74 -16.52 1.76 -19.94
CA LYS A 74 -15.28 1.48 -19.20
C LYS A 74 -15.30 2.11 -17.81
N ALA A 75 -15.80 3.34 -17.74
CA ALA A 75 -15.86 4.06 -16.49
C ALA A 75 -16.79 3.35 -15.51
N LEU A 76 -17.94 2.89 -16.01
CA LEU A 76 -18.86 2.14 -15.15
C LEU A 76 -18.20 0.89 -14.57
N ASP A 77 -17.59 0.09 -15.45
CA ASP A 77 -16.88 -1.12 -14.98
C ASP A 77 -15.83 -0.74 -13.92
N THR A 78 -15.04 0.27 -14.22
CA THR A 78 -13.94 0.66 -13.33
C THR A 78 -14.44 1.19 -11.99
N SER A 79 -15.57 1.87 -11.99
CA SER A 79 -16.06 2.49 -10.76
C SER A 79 -16.32 1.44 -9.68
N HIS A 80 -16.76 0.25 -10.07
CA HIS A 80 -17.09 -0.78 -9.08
C HIS A 80 -15.84 -1.24 -8.32
N SER A 81 -14.67 -1.11 -8.93
CA SER A 81 -13.44 -1.57 -8.28
C SER A 81 -13.04 -0.73 -7.07
N ASN A 82 -13.68 0.43 -6.88
CA ASN A 82 -13.52 1.19 -5.64
C ASN A 82 -13.76 0.32 -4.42
N VAL A 83 -14.72 -0.60 -4.51
CA VAL A 83 -15.09 -1.44 -3.38
C VAL A 83 -13.90 -2.32 -3.01
N MET A 84 -13.41 -3.08 -3.98
CA MET A 84 -12.26 -3.96 -3.77
C MET A 84 -11.02 -3.20 -3.32
N ALA A 85 -10.86 -1.96 -3.79
CA ALA A 85 -9.64 -1.21 -3.51
C ALA A 85 -9.72 -0.40 -2.22
N TYR A 86 -10.90 -0.35 -1.62
CA TYR A 86 -11.20 0.51 -0.46
C TYR A 86 -10.92 1.96 -0.81
N SER A 87 -11.23 2.35 -2.03
CA SER A 87 -11.01 3.71 -2.50
C SER A 87 -12.31 4.49 -2.63
N ASN A 88 -12.21 5.77 -2.92
CA ASN A 88 -13.40 6.52 -3.26
C ASN A 88 -13.09 7.54 -4.33
N CYS A 89 -12.88 7.04 -5.55
CA CYS A 89 -12.70 7.86 -6.74
C CYS A 89 -13.93 7.79 -7.62
N LYS A 90 -14.48 8.93 -8.01
CA LYS A 90 -15.56 8.91 -8.99
C LYS A 90 -14.92 8.61 -10.34
N VAL A 91 -15.50 7.66 -11.08
CA VAL A 91 -15.00 7.39 -12.42
C VAL A 91 -16.15 7.55 -13.40
N THR A 92 -16.07 8.54 -14.27
CA THR A 92 -17.16 8.75 -15.22
C THR A 92 -16.62 8.83 -16.64
N GLY A 93 -17.49 8.65 -17.62
CA GLY A 93 -17.08 8.72 -19.02
C GLY A 93 -17.63 9.99 -19.65
N SER A 94 -17.03 10.42 -20.75
CA SER A 94 -17.42 11.67 -21.38
C SER A 94 -17.13 11.67 -22.88
N ASN A 95 -18.01 12.28 -23.65
CA ASN A 95 -17.69 12.54 -25.05
C ASN A 95 -17.66 14.05 -25.28
N SER A 96 -17.49 14.81 -24.20
CA SER A 96 -17.51 16.27 -24.29
C SER A 96 -16.27 16.90 -23.69
N TYR A 97 -15.59 17.75 -24.47
CA TYR A 97 -14.42 18.46 -23.96
C TYR A 97 -14.79 19.40 -22.81
N ASP A 98 -16.08 19.75 -22.69
CA ASP A 98 -16.54 20.57 -21.57
C ASP A 98 -16.09 20.02 -20.22
N ASP A 99 -15.91 18.72 -20.15
CA ASP A 99 -15.61 18.08 -18.86
C ASP A 99 -14.14 18.26 -18.46
N LEU A 100 -13.37 18.93 -19.32
CA LEU A 100 -12.03 19.35 -18.94
C LEU A 100 -12.04 20.39 -17.83
N LYS A 101 -13.20 21.00 -17.60
CA LYS A 101 -13.29 22.10 -16.65
C LYS A 101 -12.88 21.67 -15.25
N GLY A 102 -11.96 22.43 -14.65
CA GLY A 102 -11.50 22.16 -13.29
C GLY A 102 -10.53 20.99 -13.16
N ALA A 103 -10.03 20.49 -14.27
CA ALA A 103 -9.08 19.39 -14.23
C ALA A 103 -7.76 19.82 -13.58
N ASP A 104 -7.24 18.98 -12.71
CA ASP A 104 -5.94 19.23 -12.11
C ASP A 104 -4.84 18.59 -12.91
N VAL A 105 -5.14 17.43 -13.47
CA VAL A 105 -4.19 16.74 -14.33
C VAL A 105 -4.91 16.32 -15.60
N VAL A 106 -4.25 16.51 -16.74
CA VAL A 106 -4.81 16.10 -18.03
C VAL A 106 -3.81 15.18 -18.71
N ILE A 107 -4.22 13.97 -19.06
CA ILE A 107 -3.31 13.04 -19.72
C ILE A 107 -3.81 12.75 -21.12
N VAL A 108 -3.01 13.09 -22.12
CA VAL A 108 -3.45 13.01 -23.50
C VAL A 108 -2.86 11.80 -24.20
N THR A 109 -3.72 10.80 -24.49
CA THR A 109 -3.29 9.65 -25.27
C THR A 109 -3.99 9.58 -26.62
N ALA A 110 -4.95 10.48 -26.84
CA ALA A 110 -5.73 10.46 -28.08
C ALA A 110 -4.88 10.76 -29.30
N GLY A 111 -5.33 10.25 -30.45
CA GLY A 111 -4.64 10.52 -31.70
C GLY A 111 -4.55 9.27 -32.54
N PHE A 112 -4.29 9.44 -33.83
CA PHE A 112 -4.14 8.29 -34.72
C PHE A 112 -2.87 7.56 -34.38
N THR A 113 -2.91 6.23 -34.52
CA THR A 113 -1.74 5.43 -34.20
C THR A 113 -1.21 4.69 -35.43
N LYS A 114 0.05 4.30 -35.33
CA LYS A 114 0.71 3.54 -36.38
C LYS A 114 1.47 2.41 -35.72
N ALA A 115 1.30 1.19 -36.20
CA ALA A 115 2.01 0.04 -35.64
C ALA A 115 3.49 0.12 -35.95
N PRO A 116 4.34 -0.31 -35.02
CA PRO A 116 5.79 -0.39 -35.29
C PRO A 116 6.10 -1.46 -36.34
N LEU A 128 0.67 11.17 -40.63
CA LEU A 128 -0.09 11.32 -39.38
C LEU A 128 0.30 12.56 -38.59
N LEU A 129 1.48 13.10 -38.84
CA LEU A 129 1.89 14.35 -38.21
C LEU A 129 0.84 15.46 -38.39
N PRO A 130 0.31 15.66 -39.61
CA PRO A 130 -0.70 16.72 -39.72
C PRO A 130 -2.04 16.40 -39.02
N LEU A 131 -2.45 15.14 -39.07
CA LEU A 131 -3.67 14.69 -38.38
C LEU A 131 -3.62 14.97 -36.87
N ASN A 132 -2.56 14.44 -36.26
CA ASN A 132 -2.41 14.56 -34.83
C ASN A 132 -2.09 15.99 -34.44
N ASN A 133 -1.45 16.75 -35.33
CA ASN A 133 -1.32 18.19 -35.11
C ASN A 133 -2.70 18.83 -34.97
N LYS A 134 -3.61 18.50 -35.89
CA LYS A 134 -4.96 19.07 -35.78
C LYS A 134 -5.63 18.68 -34.46
N ILE A 135 -5.39 17.45 -34.03
CA ILE A 135 -5.93 17.04 -32.74
C ILE A 135 -5.34 17.84 -31.55
N MET A 136 -4.02 18.07 -31.57
CA MET A 136 -3.36 18.86 -30.54
C MET A 136 -3.87 20.31 -30.54
N ILE A 137 -4.20 20.82 -31.71
CA ILE A 137 -4.82 22.15 -31.80
C ILE A 137 -6.18 22.18 -31.11
N GLU A 138 -7.03 21.20 -31.43
CA GLU A 138 -8.35 21.14 -30.79
C GLU A 138 -8.28 21.04 -29.25
N ILE A 139 -7.51 20.05 -28.80
CA ILE A 139 -7.35 19.81 -27.36
C ILE A 139 -6.73 21.04 -26.67
N GLY A 140 -5.71 21.60 -27.29
CA GLY A 140 -5.04 22.78 -26.77
C GLY A 140 -5.99 23.94 -26.56
N GLY A 141 -6.84 24.20 -27.56
CA GLY A 141 -7.85 25.24 -27.41
C GLY A 141 -8.74 24.99 -26.19
N HIS A 142 -9.17 23.74 -26.04
CA HIS A 142 -10.02 23.47 -24.88
C HIS A 142 -9.29 23.57 -23.53
N ILE A 143 -8.03 23.17 -23.46
CA ILE A 143 -7.26 23.34 -22.23
C ILE A 143 -7.08 24.81 -21.89
N LYS A 144 -6.76 25.61 -22.91
CA LYS A 144 -6.58 27.04 -22.71
C LYS A 144 -7.86 27.65 -22.15
N ASN A 145 -9.00 27.25 -22.71
CA ASN A 145 -10.27 27.80 -22.22
C ASN A 145 -10.77 27.28 -20.87
N LEU A 146 -10.54 26.01 -20.58
CA LEU A 146 -11.27 25.31 -19.51
C LEU A 146 -10.42 24.92 -18.30
N CYS A 147 -9.15 24.60 -18.53
CA CYS A 147 -8.29 24.22 -17.42
C CYS A 147 -6.85 24.68 -17.62
N PRO A 148 -6.63 26.00 -17.69
CA PRO A 148 -5.31 26.55 -18.01
C PRO A 148 -4.26 26.29 -16.93
N ASN A 149 -4.71 25.94 -15.72
CA ASN A 149 -3.78 25.67 -14.63
C ASN A 149 -3.50 24.18 -14.41
N ALA A 150 -3.96 23.33 -15.33
CA ALA A 150 -3.73 21.89 -15.23
C ALA A 150 -2.27 21.52 -15.53
N PHE A 151 -1.85 20.40 -14.95
CA PHE A 151 -0.57 19.79 -15.30
C PHE A 151 -0.86 18.81 -16.42
N ILE A 152 -0.11 18.90 -17.51
CA ILE A 152 -0.40 18.17 -18.74
C ILE A 152 0.65 17.11 -19.02
N ILE A 153 0.21 15.86 -19.23
CA ILE A 153 1.13 14.80 -19.65
C ILE A 153 0.73 14.32 -21.03
N VAL A 154 1.65 14.43 -21.99
CA VAL A 154 1.35 14.06 -23.37
C VAL A 154 1.97 12.72 -23.74
N VAL A 155 1.17 11.85 -24.35
CA VAL A 155 1.61 10.51 -24.73
C VAL A 155 1.52 10.28 -26.24
N THR A 156 0.61 11.00 -26.89
CA THR A 156 0.37 10.93 -28.33
C THR A 156 1.67 10.95 -29.14
N ASN A 157 1.86 9.98 -30.02
CA ASN A 157 3.12 9.86 -30.77
C ASN A 157 3.11 10.58 -32.12
N PRO A 158 4.30 11.05 -32.59
CA PRO A 158 5.61 11.00 -31.91
C PRO A 158 5.66 12.00 -30.76
N VAL A 159 5.92 11.52 -29.54
CA VAL A 159 5.59 12.30 -28.36
C VAL A 159 6.37 13.61 -28.26
N ASP A 160 7.65 13.60 -28.60
CA ASP A 160 8.47 14.80 -28.43
C ASP A 160 8.03 15.95 -29.35
N VAL A 161 7.40 15.63 -30.48
CA VAL A 161 6.79 16.66 -31.33
C VAL A 161 5.44 17.10 -30.77
N MET A 162 4.59 16.11 -30.48
CA MET A 162 3.22 16.38 -30.08
C MET A 162 3.13 17.17 -28.77
N VAL A 163 4.04 16.90 -27.84
CA VAL A 163 4.06 17.63 -26.58
C VAL A 163 4.39 19.12 -26.83
N GLN A 164 5.29 19.40 -27.77
CA GLN A 164 5.58 20.81 -28.08
C GLN A 164 4.38 21.47 -28.76
N LEU A 165 3.73 20.75 -29.68
CA LEU A 165 2.56 21.34 -30.34
C LEU A 165 1.45 21.66 -29.33
N LEU A 166 1.21 20.73 -28.40
CA LEU A 166 0.16 20.97 -27.40
C LEU A 166 0.57 22.12 -26.46
N PHE A 167 1.86 22.20 -26.15
CA PHE A 167 2.40 23.31 -25.38
C PHE A 167 2.07 24.64 -26.05
N GLU A 168 2.41 24.73 -27.34
CA GLU A 168 2.15 25.95 -28.10
C GLU A 168 0.68 26.31 -28.17
N HIS A 169 -0.20 25.34 -28.44
CA HIS A 169 -1.60 25.70 -28.64
C HIS A 169 -2.43 25.81 -27.35
N SER A 170 -1.92 25.27 -26.24
CA SER A 170 -2.66 25.34 -24.98
C SER A 170 -2.32 26.59 -24.19
N GLY A 171 -1.11 27.10 -24.38
CA GLY A 171 -0.64 28.26 -23.65
C GLY A 171 -0.23 28.02 -22.20
N VAL A 172 -0.17 26.76 -21.77
CA VAL A 172 0.24 26.48 -20.40
C VAL A 172 1.74 26.79 -20.23
N PRO A 173 2.15 27.09 -18.99
CA PRO A 173 3.57 27.35 -18.71
C PRO A 173 4.47 26.13 -19.00
N LYS A 174 5.73 26.37 -19.35
CA LYS A 174 6.66 25.31 -19.69
C LYS A 174 6.90 24.29 -18.55
N ASN A 175 6.68 24.70 -17.32
CA ASN A 175 6.86 23.79 -16.21
C ASN A 175 5.61 22.95 -15.92
N LYS A 176 4.58 23.09 -16.75
CA LYS A 176 3.31 22.41 -16.49
C LYS A 176 2.92 21.42 -17.59
N ILE A 177 3.84 21.13 -18.49
CA ILE A 177 3.56 20.14 -19.53
C ILE A 177 4.78 19.31 -19.87
N ILE A 178 4.62 17.98 -19.87
CA ILE A 178 5.72 17.07 -20.20
C ILE A 178 5.23 15.93 -21.07
N GLY A 179 6.18 15.25 -21.70
CA GLY A 179 5.86 14.10 -22.54
C GLY A 179 6.38 12.81 -21.94
N LEU A 180 5.62 11.74 -22.12
CA LEU A 180 6.07 10.41 -21.69
C LEU A 180 7.21 9.96 -22.58
N GLY A 181 8.27 9.45 -21.97
CA GLY A 181 9.35 8.87 -22.74
C GLY A 181 10.25 8.02 -21.86
N GLY A 182 11.12 8.70 -21.13
CA GLY A 182 12.18 8.05 -20.38
C GLY A 182 11.74 7.07 -19.31
N VAL A 183 10.67 7.36 -18.59
CA VAL A 183 10.25 6.43 -17.53
C VAL A 183 9.92 5.04 -18.13
N LEU A 184 9.20 5.05 -19.25
CA LEU A 184 8.86 3.79 -19.92
C LEU A 184 10.08 3.04 -20.51
N ASP A 185 10.87 3.76 -21.32
CA ASP A 185 12.04 3.14 -21.96
C ASP A 185 13.03 2.60 -20.92
N THR A 186 13.27 3.39 -19.87
CA THR A 186 14.19 2.93 -18.86
C THR A 186 13.57 1.81 -18.07
N SER A 187 12.22 1.75 -17.96
CA SER A 187 11.66 0.59 -17.26
C SER A 187 12.05 -0.68 -18.01
N ARG A 188 12.03 -0.61 -19.35
CA ARG A 188 12.50 -1.80 -20.10
C ARG A 188 13.97 -2.13 -19.81
N LEU A 189 14.83 -1.12 -19.95
CA LEU A 189 16.27 -1.37 -19.72
C LEU A 189 16.58 -1.95 -18.32
N LYS A 190 15.98 -1.33 -17.31
CA LYS A 190 16.15 -1.73 -15.92
C LYS A 190 15.67 -3.15 -15.71
N TYR A 191 14.48 -3.45 -16.22
CA TYR A 191 13.96 -4.82 -16.08
C TYR A 191 14.90 -5.87 -16.71
N TYR A 192 15.31 -5.67 -17.97
CA TYR A 192 16.12 -6.70 -18.64
C TYR A 192 17.47 -6.92 -17.89
N ILE A 193 18.08 -5.80 -17.49
CA ILE A 193 19.34 -5.93 -16.74
C ILE A 193 19.13 -6.68 -15.43
N SER A 194 18.05 -6.33 -14.72
CA SER A 194 17.80 -6.94 -13.42
C SER A 194 17.61 -8.44 -13.59
N GLN A 195 17.05 -8.85 -14.72
CA GLN A 195 16.83 -10.28 -14.86
C GLN A 195 18.12 -11.01 -15.20
N LYS A 196 19.05 -10.33 -15.87
CA LYS A 196 20.36 -10.98 -16.02
C LYS A 196 21.22 -11.01 -14.73
N LEU A 197 21.04 -10.03 -13.86
CA LEU A 197 21.84 -9.97 -12.62
C LEU A 197 21.10 -10.52 -11.39
N ASN A 198 19.84 -10.92 -11.59
CA ASN A 198 19.01 -11.49 -10.55
CA ASN A 198 19.02 -11.50 -10.53
C ASN A 198 18.88 -10.59 -9.32
N VAL A 199 18.46 -9.35 -9.58
CA VAL A 199 18.15 -8.41 -8.52
C VAL A 199 16.75 -7.83 -8.76
N CYS A 200 16.22 -7.17 -7.75
CA CYS A 200 14.95 -6.47 -7.89
C CYS A 200 15.01 -5.46 -9.04
N PRO A 201 14.04 -5.49 -9.95
CA PRO A 201 14.05 -4.61 -11.13
C PRO A 201 14.29 -3.15 -10.83
N ARG A 202 13.62 -2.60 -9.81
CA ARG A 202 13.80 -1.19 -9.53
C ARG A 202 15.16 -0.86 -8.88
N ASP A 203 15.93 -1.87 -8.50
CA ASP A 203 17.26 -1.57 -7.97
C ASP A 203 18.28 -1.34 -9.10
N VAL A 204 17.85 -1.51 -10.35
CA VAL A 204 18.67 -1.05 -11.47
C VAL A 204 18.27 0.37 -11.78
N ASN A 205 19.26 1.25 -11.90
CA ASN A 205 18.97 2.60 -12.32
C ASN A 205 19.67 2.90 -13.63
N ALA A 206 18.97 3.65 -14.48
CA ALA A 206 19.48 3.94 -15.81
C ALA A 206 18.80 5.18 -16.37
N LEU A 207 19.47 5.81 -17.32
CA LEU A 207 18.96 7.00 -17.98
C LEU A 207 18.93 6.80 -19.49
N ILE A 208 17.78 7.09 -20.08
CA ILE A 208 17.65 7.10 -21.53
C ILE A 208 17.11 8.47 -21.93
N VAL A 209 17.83 9.19 -22.78
CA VAL A 209 17.52 10.59 -23.02
C VAL A 209 17.33 10.92 -24.50
N GLY A 210 17.06 12.20 -24.78
CA GLY A 210 17.02 12.69 -26.15
C GLY A 210 15.64 12.67 -26.77
N ALA A 211 15.16 11.46 -27.07
CA ALA A 211 13.83 11.31 -27.64
C ALA A 211 13.26 9.93 -27.30
N HIS A 212 11.94 9.83 -27.37
CA HIS A 212 11.23 8.56 -27.26
C HIS A 212 10.98 8.00 -28.65
N GLY A 213 11.73 6.98 -29.03
CA GLY A 213 11.68 6.44 -30.39
C GLY A 213 13.00 5.78 -30.70
N ASN A 214 13.20 5.37 -31.95
CA ASN A 214 14.38 4.58 -32.32
C ASN A 214 15.71 5.31 -32.09
N LYS A 215 15.66 6.63 -31.96
CA LYS A 215 16.87 7.42 -31.74
C LYS A 215 17.13 7.69 -30.25
N MET A 216 16.36 7.06 -29.36
CA MET A 216 16.60 7.19 -27.91
C MET A 216 18.06 6.96 -27.56
N VAL A 217 18.56 7.74 -26.60
CA VAL A 217 19.97 7.67 -26.25
C VAL A 217 20.20 6.86 -24.97
N LEU A 218 20.78 5.67 -25.13
CA LEU A 218 20.98 4.78 -24.00
C LEU A 218 22.36 5.00 -23.39
N LEU A 219 22.39 5.58 -22.19
CA LEU A 219 23.65 6.02 -21.59
C LEU A 219 24.28 4.92 -20.75
N LYS A 220 25.12 4.10 -21.37
CA LYS A 220 25.72 2.97 -20.69
C LYS A 220 26.50 3.40 -19.44
N ARG A 221 27.16 4.55 -19.54
CA ARG A 221 27.98 5.07 -18.45
C ARG A 221 27.18 5.35 -17.17
N TYR A 222 25.90 5.64 -17.34
CA TYR A 222 25.03 6.01 -16.21
C TYR A 222 24.19 4.87 -15.62
N ILE A 223 24.50 3.63 -15.96
CA ILE A 223 23.73 2.52 -15.39
C ILE A 223 24.33 2.08 -14.06
N THR A 224 23.49 1.90 -13.04
CA THR A 224 23.96 1.37 -11.77
C THR A 224 23.05 0.24 -11.32
N VAL A 225 23.56 -0.55 -10.39
CA VAL A 225 22.83 -1.70 -9.84
C VAL A 225 22.99 -1.67 -8.34
N GLY A 226 21.91 -1.44 -7.60
CA GLY A 226 22.01 -1.25 -6.17
C GLY A 226 22.94 -0.08 -5.86
N GLY A 227 23.00 0.90 -6.76
CA GLY A 227 23.84 2.07 -6.58
C GLY A 227 25.29 1.89 -7.05
N ILE A 228 25.62 0.67 -7.47
CA ILE A 228 26.99 0.31 -7.91
C ILE A 228 27.13 0.44 -9.42
N PRO A 229 28.23 1.04 -9.91
CA PRO A 229 28.38 1.16 -11.37
C PRO A 229 28.27 -0.19 -12.08
N LEU A 230 27.51 -0.23 -13.17
CA LEU A 230 27.36 -1.45 -13.97
C LEU A 230 28.73 -2.04 -14.37
N GLN A 231 29.68 -1.16 -14.60
CA GLN A 231 31.01 -1.61 -15.04
C GLN A 231 31.65 -2.59 -14.03
N GLU A 232 31.33 -2.46 -12.75
CA GLU A 232 31.88 -3.40 -11.77
C GLU A 232 31.33 -4.80 -12.00
N PHE A 233 30.07 -4.90 -12.43
CA PHE A 233 29.49 -6.21 -12.71
C PHE A 233 30.06 -6.75 -14.03
N ILE A 234 30.39 -5.85 -14.94
CA ILE A 234 31.02 -6.30 -16.20
C ILE A 234 32.44 -6.83 -15.93
N ASN A 235 33.21 -6.09 -15.12
CA ASN A 235 34.56 -6.50 -14.71
C ASN A 235 34.56 -7.87 -14.06
N ASN A 236 33.56 -8.13 -13.22
CA ASN A 236 33.41 -9.40 -12.53
C ASN A 236 32.80 -10.47 -13.39
N LYS A 237 32.49 -10.13 -14.64
CA LYS A 237 31.89 -11.05 -15.60
C LYS A 237 30.53 -11.58 -15.17
N LYS A 238 29.80 -10.79 -14.41
CA LYS A 238 28.42 -11.15 -14.07
C LYS A 238 27.49 -10.87 -15.25
N ILE A 239 27.90 -9.93 -16.09
CA ILE A 239 27.23 -9.64 -17.34
C ILE A 239 28.30 -9.12 -18.30
N THR A 240 28.17 -9.42 -19.59
CA THR A 240 29.17 -8.99 -20.57
C THR A 240 28.77 -7.69 -21.28
N ASP A 241 29.77 -7.00 -21.82
CA ASP A 241 29.52 -5.88 -22.73
C ASP A 241 28.57 -6.24 -23.87
N GLU A 242 28.76 -7.44 -24.43
CA GLU A 242 27.92 -7.88 -25.56
C GLU A 242 26.46 -8.09 -25.11
N GLU A 243 26.26 -8.66 -23.93
CA GLU A 243 24.89 -8.84 -23.45
C GLU A 243 24.24 -7.48 -23.19
N VAL A 244 25.01 -6.52 -22.67
CA VAL A 244 24.46 -5.19 -22.44
C VAL A 244 24.08 -4.56 -23.78
N GLU A 245 24.91 -4.74 -24.82
CA GLU A 245 24.53 -4.24 -26.13
C GLU A 245 23.23 -4.89 -26.66
N GLY A 246 23.09 -6.20 -26.42
CA GLY A 246 21.90 -6.90 -26.86
C GLY A 246 20.64 -6.41 -26.14
N ILE A 247 20.81 -6.07 -24.87
CA ILE A 247 19.73 -5.50 -24.07
C ILE A 247 19.38 -4.08 -24.53
N PHE A 248 20.38 -3.29 -24.93
CA PHE A 248 20.09 -1.99 -25.51
C PHE A 248 19.22 -2.14 -26.74
N ASP A 249 19.64 -3.03 -27.64
CA ASP A 249 18.85 -3.29 -28.85
C ASP A 249 17.43 -3.78 -28.52
N ARG A 250 17.31 -4.62 -27.51
CA ARG A 250 15.99 -5.13 -27.14
C ARG A 250 15.11 -4.01 -26.58
N THR A 251 15.72 -3.11 -25.82
CA THR A 251 15.02 -1.98 -25.22
C THR A 251 14.48 -1.06 -26.31
N VAL A 252 15.35 -0.72 -27.26
CA VAL A 252 14.92 0.10 -28.38
C VAL A 252 13.75 -0.54 -29.14
N ASN A 253 13.79 -1.86 -29.31
CA ASN A 253 12.78 -2.53 -30.14
C ASN A 253 11.65 -3.21 -29.38
N THR A 254 11.48 -2.89 -28.11
CA THR A 254 10.51 -3.59 -27.28
C THR A 254 9.06 -3.44 -27.78
N ALA A 255 8.65 -2.24 -28.22
CA ALA A 255 7.27 -2.09 -28.71
C ALA A 255 7.04 -3.01 -29.92
N LEU A 256 8.00 -3.02 -30.82
CA LEU A 256 7.95 -3.93 -31.96
C LEU A 256 7.90 -5.38 -31.51
N GLU A 257 8.69 -5.75 -30.50
CA GLU A 257 8.71 -7.14 -30.04
C GLU A 257 7.33 -7.55 -29.50
N ILE A 258 6.70 -6.66 -28.75
CA ILE A 258 5.39 -6.94 -28.16
C ILE A 258 4.34 -7.06 -29.27
N VAL A 259 4.39 -6.15 -30.24
CA VAL A 259 3.45 -6.21 -31.36
C VAL A 259 3.65 -7.48 -32.19
N ASN A 260 4.90 -7.92 -32.35
CA ASN A 260 5.18 -9.14 -33.09
C ASN A 260 4.64 -10.35 -32.36
N LEU A 261 4.44 -10.20 -31.05
CA LEU A 261 3.81 -11.26 -30.25
C LEU A 261 2.29 -11.10 -30.18
N LEU A 262 1.73 -10.27 -31.07
CA LEU A 262 0.28 -10.11 -31.21
C LEU A 262 -0.34 -9.44 -29.97
N ALA A 263 0.44 -8.63 -29.29
CA ALA A 263 -0.11 -7.86 -28.17
C ALA A 263 0.15 -6.38 -28.40
N SER A 264 -0.43 -5.56 -27.55
CA SER A 264 -0.28 -4.13 -27.67
C SER A 264 0.34 -3.63 -26.38
N PRO A 265 1.41 -2.83 -26.45
CA PRO A 265 2.03 -2.42 -25.19
C PRO A 265 1.24 -1.29 -24.54
N TYR A 266 0.53 -1.55 -23.44
CA TYR A 266 -0.17 -0.46 -22.78
C TYR A 266 -0.13 -0.54 -21.26
N VAL A 267 0.20 -1.70 -20.69
CA VAL A 267 0.27 -1.82 -19.24
C VAL A 267 1.44 -1.00 -18.68
N ALA A 268 2.65 -1.26 -19.17
CA ALA A 268 3.82 -0.51 -18.66
C ALA A 268 3.73 0.98 -19.00
N PRO A 269 3.28 1.33 -20.22
CA PRO A 269 3.07 2.77 -20.45
C PRO A 269 2.12 3.44 -19.43
N ALA A 270 0.99 2.80 -19.16
CA ALA A 270 0.03 3.34 -18.20
C ALA A 270 0.69 3.48 -16.82
N ALA A 271 1.43 2.45 -16.39
CA ALA A 271 2.10 2.54 -15.09
C ALA A 271 3.12 3.69 -15.03
N ALA A 272 3.86 3.88 -16.13
CA ALA A 272 4.87 4.96 -16.18
C ALA A 272 4.21 6.32 -16.02
N ILE A 273 3.11 6.48 -16.76
CA ILE A 273 2.36 7.74 -16.72
C ILE A 273 1.82 8.01 -15.33
N ILE A 274 1.29 6.97 -14.70
CA ILE A 274 0.75 7.17 -13.36
C ILE A 274 1.88 7.47 -12.36
N GLU A 275 3.06 6.89 -12.51
CA GLU A 275 4.18 7.29 -11.63
C GLU A 275 4.50 8.80 -11.77
N MET A 276 4.52 9.28 -13.01
CA MET A 276 4.70 10.72 -13.23
C MET A 276 3.59 11.60 -12.58
N ALA A 277 2.34 11.23 -12.88
CA ALA A 277 1.18 11.99 -12.36
C ALA A 277 1.16 12.00 -10.85
N GLU A 278 1.49 10.86 -10.25
CA GLU A 278 1.48 10.72 -8.80
C GLU A 278 2.58 11.57 -8.18
N SER A 279 3.73 11.62 -8.85
CA SER A 279 4.81 12.46 -8.33
C SER A 279 4.35 13.91 -8.31
N TYR A 280 3.59 14.31 -9.31
CA TYR A 280 3.00 15.67 -9.23
C TYR A 280 1.95 15.82 -8.11
N LEU A 281 0.97 14.92 -8.08
CA LEU A 281 -0.18 15.05 -7.19
C LEU A 281 0.18 14.96 -5.70
N LYS A 282 1.23 14.22 -5.37
CA LYS A 282 1.65 14.05 -3.98
C LYS A 282 2.94 14.78 -3.66
N ASP A 283 3.43 15.59 -4.60
CA ASP A 283 4.63 16.40 -4.40
C ASP A 283 5.80 15.54 -3.93
N ILE A 284 6.07 14.46 -4.65
CA ILE A 284 7.07 13.51 -4.22
C ILE A 284 8.48 13.98 -4.62
N LYS A 285 8.56 14.75 -5.71
CA LYS A 285 9.85 15.26 -6.23
C LYS A 285 10.77 14.13 -6.68
N LYS A 286 10.18 13.12 -7.32
CA LYS A 286 10.97 12.08 -7.96
C LYS A 286 11.76 12.66 -9.13
N VAL A 287 12.94 12.08 -9.35
CA VAL A 287 13.70 12.31 -10.58
C VAL A 287 13.21 11.33 -11.62
N LEU A 288 12.60 11.86 -12.68
CA LEU A 288 12.00 11.06 -13.73
C LEU A 288 12.42 11.64 -15.07
N VAL A 289 12.82 10.78 -16.00
CA VAL A 289 13.22 11.28 -17.32
C VAL A 289 11.99 11.49 -18.17
N CYS A 290 11.76 12.74 -18.55
CA CYS A 290 10.59 13.07 -19.37
C CYS A 290 10.98 14.09 -20.43
N SER A 291 10.09 14.25 -21.41
CA SER A 291 10.30 15.21 -22.48
C SER A 291 9.85 16.59 -22.02
N THR A 292 10.77 17.55 -22.11
CA THR A 292 10.50 18.88 -21.60
C THR A 292 11.11 19.90 -22.55
N LEU A 293 10.68 21.16 -22.43
CA LEU A 293 11.21 22.21 -23.31
C LEU A 293 12.68 22.46 -23.00
N LEU A 294 13.51 22.38 -24.02
CA LEU A 294 14.93 22.70 -23.88
C LEU A 294 15.13 24.18 -24.18
N GLU A 295 15.88 24.85 -23.30
CA GLU A 295 16.19 26.27 -23.43
C GLU A 295 17.69 26.46 -23.36
N GLY A 296 18.42 25.69 -24.14
CA GLY A 296 19.86 25.83 -24.17
C GLY A 296 20.59 24.59 -23.70
N GLN A 297 19.93 23.76 -22.89
CA GLN A 297 20.54 22.52 -22.44
C GLN A 297 20.96 21.66 -23.63
N TYR A 298 22.14 21.04 -23.50
CA TYR A 298 22.69 20.16 -24.53
C TYR A 298 22.94 20.89 -25.86
N GLY A 299 22.87 22.22 -25.83
CA GLY A 299 23.04 23.04 -27.02
C GLY A 299 21.78 23.22 -27.85
N HIS A 300 20.62 23.03 -27.25
CA HIS A 300 19.40 23.05 -28.03
C HIS A 300 18.31 23.94 -27.43
N SER A 301 17.54 24.56 -28.32
CA SER A 301 16.44 25.42 -27.94
C SER A 301 15.25 25.17 -28.87
N ASN A 302 14.09 25.69 -28.47
CA ASN A 302 12.86 25.67 -29.26
C ASN A 302 12.43 24.27 -29.66
N ILE A 303 12.71 23.32 -28.77
CA ILE A 303 12.37 21.94 -29.04
C ILE A 303 12.23 21.20 -27.71
N PHE A 304 11.43 20.14 -27.68
CA PHE A 304 11.32 19.30 -26.49
C PHE A 304 12.22 18.10 -26.61
N GLY A 305 12.79 17.66 -25.50
CA GLY A 305 13.58 16.45 -25.50
C GLY A 305 13.61 15.76 -24.14
N GLY A 306 13.96 14.48 -24.15
CA GLY A 306 14.04 13.70 -22.93
C GLY A 306 15.24 14.02 -22.06
N THR A 307 14.97 14.41 -20.81
CA THR A 307 16.05 14.62 -19.84
C THR A 307 15.53 14.37 -18.42
N PRO A 308 16.44 14.03 -17.48
CA PRO A 308 15.97 13.88 -16.09
C PRO A 308 15.39 15.20 -15.58
N LEU A 309 14.25 15.08 -14.92
CA LEU A 309 13.49 16.19 -14.38
C LEU A 309 13.09 15.87 -12.96
N VAL A 310 12.82 16.89 -12.16
CA VAL A 310 12.22 16.66 -10.85
C VAL A 310 10.74 17.04 -10.94
N ILE A 311 9.85 16.09 -10.66
CA ILE A 311 8.41 16.37 -10.70
C ILE A 311 7.87 16.51 -9.29
N GLY A 312 7.38 17.71 -8.97
CA GLY A 312 6.81 17.98 -7.65
C GLY A 312 5.50 18.74 -7.77
N GLY A 313 5.01 19.27 -6.65
CA GLY A 313 3.72 19.91 -6.57
C GLY A 313 3.51 21.14 -7.46
N THR A 314 4.60 21.78 -7.88
CA THR A 314 4.49 22.93 -8.77
C THR A 314 4.71 22.54 -10.24
N GLY A 315 4.88 21.25 -10.51
CA GLY A 315 5.14 20.77 -11.86
C GLY A 315 6.60 20.37 -12.02
N VAL A 316 7.20 20.72 -13.15
CA VAL A 316 8.64 20.52 -13.32
C VAL A 316 9.40 21.51 -12.46
N GLU A 317 10.07 21.01 -11.43
CA GLU A 317 10.72 21.88 -10.46
C GLU A 317 12.19 22.10 -10.80
N GLN A 318 12.79 21.11 -11.46
CA GLN A 318 14.18 21.18 -11.89
C GLN A 318 14.30 20.44 -13.22
N VAL A 319 15.06 21.03 -14.13
CA VAL A 319 15.45 20.32 -15.35
C VAL A 319 16.94 20.03 -15.23
N ILE A 320 17.29 18.76 -15.17
CA ILE A 320 18.68 18.40 -14.91
C ILE A 320 19.39 18.09 -16.21
N GLU A 321 20.45 18.84 -16.49
CA GLU A 321 21.24 18.65 -17.69
C GLU A 321 22.44 17.75 -17.39
N LEU A 322 22.46 16.58 -18.00
CA LEU A 322 23.54 15.64 -17.79
C LEU A 322 24.84 16.16 -18.41
N GLN A 323 25.95 15.94 -17.73
CA GLN A 323 27.25 16.33 -18.24
C GLN A 323 27.81 15.26 -19.19
N LEU A 324 27.23 15.23 -20.39
CA LEU A 324 27.57 14.24 -21.40
C LEU A 324 28.95 14.46 -22.01
N ASN A 325 29.63 13.38 -22.38
CA ASN A 325 30.86 13.51 -23.16
C ASN A 325 30.52 13.75 -24.63
N ALA A 326 31.54 13.91 -25.48
CA ALA A 326 31.33 14.28 -26.89
C ALA A 326 30.45 13.28 -27.68
N GLU A 327 30.73 12.00 -27.49
CA GLU A 327 30.04 10.92 -28.19
C GLU A 327 28.53 10.86 -27.81
N GLU A 328 28.30 10.91 -26.50
CA GLU A 328 26.94 10.95 -25.97
C GLU A 328 26.19 12.17 -26.52
N LYS A 329 26.90 13.30 -26.54
CA LYS A 329 26.33 14.54 -27.04
C LYS A 329 25.91 14.41 -28.49
N THR A 330 26.76 13.74 -29.29
CA THR A 330 26.42 13.51 -30.69
C THR A 330 25.16 12.64 -30.84
N LYS A 331 25.04 11.61 -30.01
CA LYS A 331 23.77 10.83 -30.01
C LYS A 331 22.54 11.69 -29.65
N PHE A 332 22.70 12.53 -28.63
CA PHE A 332 21.63 13.43 -28.21
C PHE A 332 21.22 14.34 -29.38
N ASP A 333 22.22 14.91 -30.04
CA ASP A 333 22.00 15.76 -31.21
C ASP A 333 21.22 15.02 -32.29
N GLU A 334 21.57 13.76 -32.52
CA GLU A 334 20.84 13.00 -33.54
C GLU A 334 19.35 12.81 -33.16
N ALA A 335 19.10 12.53 -31.88
CA ALA A 335 17.70 12.36 -31.45
C ALA A 335 16.88 13.63 -31.65
N VAL A 336 17.46 14.74 -31.18
CA VAL A 336 16.78 16.04 -31.30
C VAL A 336 16.60 16.45 -32.77
N ALA A 337 17.60 16.17 -33.60
CA ALA A 337 17.50 16.47 -35.03
C ALA A 337 16.35 15.70 -35.66
N GLU A 338 16.15 14.45 -35.23
CA GLU A 338 15.01 13.70 -35.75
C GLU A 338 13.68 14.32 -35.31
N THR A 339 13.63 14.75 -34.04
CA THR A 339 12.41 15.43 -33.58
C THR A 339 12.11 16.69 -34.40
N LYS A 340 13.15 17.47 -34.70
CA LYS A 340 13.01 18.70 -35.48
C LYS A 340 12.53 18.40 -36.90
N ARG A 341 13.15 17.38 -37.49
CA ARG A 341 12.81 16.94 -38.84
C ARG A 341 11.34 16.61 -38.90
N MET A 342 10.86 15.83 -37.94
CA MET A 342 9.44 15.48 -37.98
C MET A 342 8.55 16.69 -37.70
N LYS A 343 9.02 17.59 -36.85
CA LYS A 343 8.21 18.76 -36.52
C LYS A 343 7.96 19.59 -37.78
N ALA A 344 8.93 19.59 -38.69
CA ALA A 344 8.74 20.32 -39.96
C ALA A 344 7.66 19.74 -40.89
N LEU A 345 7.08 18.59 -40.56
CA LEU A 345 6.15 17.91 -41.47
C LEU A 345 4.68 17.99 -41.06
N ILE A 346 4.35 18.86 -40.10
CA ILE A 346 2.97 18.96 -39.65
C ILE A 346 2.08 19.70 -40.64
N LYS B 34 8.08 -18.12 -3.36
CA LYS B 34 7.11 -17.16 -3.90
C LYS B 34 5.98 -17.92 -4.60
N PRO B 35 4.71 -17.55 -4.34
CA PRO B 35 3.61 -18.32 -4.92
C PRO B 35 3.61 -18.32 -6.45
N LYS B 36 3.19 -19.43 -7.04
CA LYS B 36 2.96 -19.51 -8.47
C LYS B 36 1.47 -19.45 -8.80
N ILE B 37 1.10 -18.42 -9.55
CA ILE B 37 -0.27 -18.17 -9.95
C ILE B 37 -0.42 -18.39 -11.46
N VAL B 38 -1.27 -19.32 -11.86
CA VAL B 38 -1.45 -19.60 -13.27
C VAL B 38 -2.82 -19.11 -13.70
N LEU B 39 -2.81 -18.23 -14.68
CA LEU B 39 -4.06 -17.73 -15.25
C LEU B 39 -4.40 -18.53 -16.49
N VAL B 40 -5.35 -19.46 -16.36
CA VAL B 40 -5.78 -20.28 -17.48
C VAL B 40 -6.81 -19.46 -18.26
N GLY B 41 -6.32 -18.79 -19.30
CA GLY B 41 -7.09 -17.76 -19.97
C GLY B 41 -6.41 -16.41 -19.78
N SER B 42 -5.97 -15.82 -20.89
CA SER B 42 -5.26 -14.55 -20.83
C SER B 42 -5.99 -13.45 -21.60
N GLY B 43 -7.31 -13.51 -21.60
CA GLY B 43 -8.14 -12.47 -22.22
C GLY B 43 -8.18 -11.20 -21.39
N MET B 44 -9.28 -10.45 -21.50
CA MET B 44 -9.43 -9.15 -20.86
C MET B 44 -9.25 -9.19 -19.32
N ILE B 45 -10.01 -10.09 -18.71
CA ILE B 45 -9.94 -10.27 -17.25
C ILE B 45 -8.55 -10.80 -16.85
N GLY B 46 -8.04 -11.77 -17.60
CA GLY B 46 -6.72 -12.32 -17.33
C GLY B 46 -5.62 -11.26 -17.31
N GLY B 47 -5.66 -10.36 -18.30
CA GLY B 47 -4.70 -9.26 -18.37
C GLY B 47 -4.76 -8.32 -17.18
N VAL B 48 -5.99 -7.89 -16.83
CA VAL B 48 -6.06 -7.05 -15.65
C VAL B 48 -5.60 -7.78 -14.38
N MET B 49 -5.94 -9.07 -14.25
CA MET B 49 -5.46 -9.84 -13.11
C MET B 49 -3.92 -9.85 -13.02
N ALA B 50 -3.24 -10.09 -14.15
CA ALA B 50 -1.76 -10.06 -14.11
C ALA B 50 -1.23 -8.69 -13.68
N THR B 51 -1.84 -7.64 -14.20
CA THR B 51 -1.44 -6.28 -13.82
C THR B 51 -1.56 -6.05 -12.31
N LEU B 52 -2.71 -6.45 -11.74
CA LEU B 52 -2.93 -6.28 -10.30
C LEU B 52 -2.01 -7.15 -9.44
N ILE B 53 -1.74 -8.36 -9.91
CA ILE B 53 -0.82 -9.23 -9.19
C ILE B 53 0.55 -8.58 -9.11
N VAL B 54 1.01 -8.00 -10.22
CA VAL B 54 2.30 -7.28 -10.17
C VAL B 54 2.22 -6.06 -9.22
N GLN B 55 1.12 -5.30 -9.29
CA GLN B 55 0.97 -4.14 -8.39
C GLN B 55 1.09 -4.54 -6.93
N LYS B 56 0.53 -5.70 -6.58
CA LYS B 56 0.49 -6.12 -5.19
C LYS B 56 1.64 -7.06 -4.80
N ASN B 57 2.55 -7.31 -5.75
CA ASN B 57 3.68 -8.22 -5.55
C ASN B 57 3.25 -9.59 -4.98
N LEU B 58 2.15 -10.12 -5.49
CA LEU B 58 1.53 -11.32 -4.93
C LEU B 58 2.20 -12.64 -5.32
N GLY B 59 2.81 -12.70 -6.48
CA GLY B 59 3.45 -13.94 -6.90
C GLY B 59 3.89 -13.97 -8.34
N ASP B 60 4.62 -15.01 -8.72
CA ASP B 60 4.95 -15.19 -10.12
C ASP B 60 3.67 -15.52 -10.89
N VAL B 61 3.62 -15.09 -12.14
CA VAL B 61 2.41 -15.27 -12.97
C VAL B 61 2.69 -15.98 -14.27
N VAL B 62 1.91 -17.03 -14.55
CA VAL B 62 1.92 -17.61 -15.88
C VAL B 62 0.61 -17.24 -16.59
N MET B 63 0.73 -16.51 -17.67
CA MET B 63 -0.43 -16.15 -18.47
C MET B 63 -0.59 -17.21 -19.55
N PHE B 64 -1.51 -18.15 -19.31
CA PHE B 64 -1.75 -19.22 -20.27
C PHE B 64 -2.91 -18.92 -21.22
N ASP B 65 -2.75 -19.32 -22.48
CA ASP B 65 -3.89 -19.33 -23.38
C ASP B 65 -3.67 -20.34 -24.48
N VAL B 66 -4.76 -20.94 -24.99
CA VAL B 66 -4.62 -21.83 -26.12
C VAL B 66 -4.19 -21.05 -27.36
N VAL B 67 -4.50 -19.76 -27.39
CA VAL B 67 -4.09 -18.89 -28.50
C VAL B 67 -2.58 -18.63 -28.47
N LYS B 68 -1.92 -18.81 -29.60
CA LYS B 68 -0.48 -18.65 -29.67
C LYS B 68 -0.01 -17.20 -29.57
N ASN B 69 1.14 -17.02 -28.90
CA ASN B 69 1.91 -15.76 -28.85
C ASN B 69 1.29 -14.62 -28.04
N MET B 70 0.01 -14.36 -28.23
CA MET B 70 -0.69 -13.30 -27.50
C MET B 70 -0.36 -13.25 -26.00
N PRO B 71 -0.42 -14.39 -25.29
CA PRO B 71 -0.13 -14.26 -23.86
C PRO B 71 1.34 -13.94 -23.57
N GLN B 72 2.25 -14.39 -24.42
CA GLN B 72 3.65 -14.04 -24.26
C GLN B 72 3.83 -12.52 -24.44
N GLY B 73 3.08 -11.93 -25.36
CA GLY B 73 3.17 -10.50 -25.59
C GLY B 73 2.61 -9.69 -24.42
N LYS B 74 1.44 -10.11 -23.94
CA LYS B 74 0.87 -9.45 -22.76
C LYS B 74 1.80 -9.58 -21.56
N ALA B 75 2.37 -10.77 -21.38
CA ALA B 75 3.27 -11.02 -20.27
C ALA B 75 4.51 -10.14 -20.36
N LEU B 76 5.08 -10.00 -21.55
CA LEU B 76 6.27 -9.15 -21.74
C LEU B 76 5.95 -7.70 -21.38
N ASP B 77 4.87 -7.15 -21.94
CA ASP B 77 4.42 -5.81 -21.54
C ASP B 77 4.25 -5.65 -20.00
N THR B 78 3.50 -6.56 -19.40
CA THR B 78 3.21 -6.51 -17.95
C THR B 78 4.46 -6.62 -17.07
N SER B 79 5.40 -7.46 -17.49
CA SER B 79 6.62 -7.66 -16.70
C SER B 79 7.37 -6.33 -16.46
N HIS B 80 7.34 -5.41 -17.42
CA HIS B 80 8.07 -4.16 -17.24
C HIS B 80 7.48 -3.31 -16.11
N SER B 81 6.19 -3.48 -15.84
CA SER B 81 5.56 -2.71 -14.78
C SER B 81 6.06 -3.06 -13.35
N ASN B 82 6.80 -4.17 -13.21
CA ASN B 82 7.51 -4.45 -11.95
C ASN B 82 8.38 -3.29 -11.47
N VAL B 83 8.97 -2.57 -12.42
CA VAL B 83 9.82 -1.45 -12.11
C VAL B 83 9.03 -0.34 -11.44
N MET B 84 7.94 0.08 -12.08
CA MET B 84 7.07 1.09 -11.51
C MET B 84 6.45 0.67 -10.19
N ALA B 85 6.16 -0.63 -10.04
CA ALA B 85 5.49 -1.13 -8.85
C ALA B 85 6.41 -1.41 -7.65
N TYR B 86 7.72 -1.32 -7.88
CA TYR B 86 8.73 -1.83 -6.93
C TYR B 86 8.46 -3.28 -6.54
N SER B 87 8.06 -4.09 -7.51
CA SER B 87 7.74 -5.49 -7.26
C SER B 87 8.78 -6.40 -7.87
N ASN B 88 8.69 -7.70 -7.60
CA ASN B 88 9.53 -8.64 -8.31
C ASN B 88 8.77 -9.95 -8.59
N CYS B 89 7.83 -9.88 -9.51
CA CYS B 89 7.08 -11.04 -9.97
C CYS B 89 7.49 -11.40 -11.38
N LYS B 90 7.83 -12.67 -11.62
CA LYS B 90 8.07 -13.09 -12.99
C LYS B 90 6.71 -13.17 -13.67
N VAL B 91 6.61 -12.64 -14.88
CA VAL B 91 5.37 -12.75 -15.64
C VAL B 91 5.73 -13.37 -16.98
N THR B 92 5.25 -14.58 -17.24
CA THR B 92 5.57 -15.25 -18.49
C THR B 92 4.31 -15.71 -19.19
N GLY B 93 4.38 -15.98 -20.49
CA GLY B 93 3.24 -16.49 -21.25
C GLY B 93 3.43 -17.96 -21.54
N SER B 94 2.32 -18.67 -21.76
CA SER B 94 2.38 -20.11 -22.04
C SER B 94 1.24 -20.55 -22.94
N ASN B 95 1.50 -21.54 -23.78
CA ASN B 95 0.45 -22.22 -24.51
C ASN B 95 0.43 -23.71 -24.19
N SER B 96 1.06 -24.06 -23.08
CA SER B 96 1.16 -25.46 -22.68
C SER B 96 0.60 -25.66 -21.29
N TYR B 97 -0.34 -26.60 -21.16
CA TYR B 97 -0.90 -26.93 -19.85
C TYR B 97 0.15 -27.50 -18.90
N ASP B 98 1.28 -27.96 -19.45
CA ASP B 98 2.37 -28.45 -18.62
C ASP B 98 2.86 -27.41 -17.63
N ASP B 99 2.63 -26.14 -17.93
CA ASP B 99 3.08 -25.08 -17.06
C ASP B 99 2.20 -24.92 -15.80
N LEU B 100 1.16 -25.73 -15.68
CA LEU B 100 0.38 -25.81 -14.45
C LEU B 100 1.20 -26.43 -13.32
N LYS B 101 2.30 -27.09 -13.68
CA LYS B 101 3.10 -27.79 -12.68
C LYS B 101 3.53 -26.87 -11.53
N GLY B 102 3.18 -27.27 -10.30
CA GLY B 102 3.60 -26.54 -9.13
C GLY B 102 2.79 -25.28 -8.81
N ALA B 103 1.71 -25.05 -9.55
CA ALA B 103 0.86 -23.88 -9.29
C ALA B 103 0.31 -23.89 -7.87
N ASP B 104 0.34 -22.73 -7.22
CA ASP B 104 -0.31 -22.60 -5.92
C ASP B 104 -1.74 -22.12 -6.09
N VAL B 105 -1.94 -21.27 -7.09
CA VAL B 105 -3.29 -20.78 -7.41
C VAL B 105 -3.54 -20.93 -8.90
N VAL B 106 -4.72 -21.41 -9.26
CA VAL B 106 -5.11 -21.51 -10.67
C VAL B 106 -6.43 -20.75 -10.86
N ILE B 107 -6.44 -19.81 -11.80
CA ILE B 107 -7.64 -19.01 -12.06
C ILE B 107 -8.11 -19.26 -13.48
N VAL B 108 -9.32 -19.80 -13.63
CA VAL B 108 -9.81 -20.21 -14.93
C VAL B 108 -10.86 -19.24 -15.49
N THR B 109 -10.49 -18.50 -16.54
CA THR B 109 -11.38 -17.59 -17.24
C THR B 109 -11.68 -18.06 -18.67
N ALA B 110 -10.89 -18.99 -19.17
CA ALA B 110 -10.97 -19.37 -20.58
C ALA B 110 -12.28 -20.08 -20.88
N GLY B 111 -12.78 -19.90 -22.10
CA GLY B 111 -13.97 -20.59 -22.54
C GLY B 111 -14.73 -19.77 -23.55
N PHE B 112 -15.65 -20.43 -24.24
CA PHE B 112 -16.45 -19.77 -25.25
C PHE B 112 -17.46 -18.82 -24.65
N THR B 113 -17.64 -17.65 -25.27
CA THR B 113 -18.68 -16.73 -24.86
C THR B 113 -19.60 -16.36 -26.04
N LYS B 114 -19.14 -16.63 -27.25
CA LYS B 114 -19.97 -16.44 -28.45
C LYS B 114 -20.28 -17.79 -29.10
N ARG B 125 -25.78 -18.46 -23.74
CA ARG B 125 -26.44 -19.46 -24.57
C ARG B 125 -26.10 -20.88 -24.13
N ASP B 126 -27.14 -21.71 -24.01
CA ASP B 126 -26.99 -23.12 -23.63
C ASP B 126 -26.09 -23.92 -24.56
N ASP B 127 -26.03 -23.49 -25.82
CA ASP B 127 -25.25 -24.22 -26.83
C ASP B 127 -23.76 -24.27 -26.45
N LEU B 128 -23.33 -23.30 -25.67
CA LEU B 128 -21.92 -23.24 -25.28
C LEU B 128 -21.58 -24.23 -24.18
N LEU B 129 -22.60 -24.75 -23.51
CA LEU B 129 -22.35 -25.61 -22.34
C LEU B 129 -21.49 -26.87 -22.63
N PRO B 130 -21.78 -27.61 -23.71
CA PRO B 130 -20.90 -28.78 -23.88
C PRO B 130 -19.47 -28.39 -24.29
N LEU B 131 -19.34 -27.38 -25.13
CA LEU B 131 -18.02 -26.86 -25.51
C LEU B 131 -17.17 -26.59 -24.26
N ASN B 132 -17.70 -25.77 -23.37
CA ASN B 132 -16.95 -25.41 -22.18
C ASN B 132 -16.76 -26.62 -21.26
N ASN B 133 -17.72 -27.55 -21.29
CA ASN B 133 -17.53 -28.76 -20.49
C ASN B 133 -16.25 -29.44 -20.95
N LYS B 134 -16.08 -29.50 -22.27
CA LYS B 134 -14.90 -30.14 -22.84
C LYS B 134 -13.66 -29.49 -22.25
N ILE B 135 -13.68 -28.16 -22.20
CA ILE B 135 -12.49 -27.45 -21.73
C ILE B 135 -12.25 -27.79 -20.27
N MET B 136 -13.33 -27.82 -19.47
CA MET B 136 -13.17 -28.08 -18.06
C MET B 136 -12.59 -29.48 -17.88
N ILE B 137 -12.95 -30.41 -18.78
CA ILE B 137 -12.44 -31.77 -18.61
C ILE B 137 -10.93 -31.72 -18.82
N GLU B 138 -10.52 -31.02 -19.88
CA GLU B 138 -9.12 -30.99 -20.26
C GLU B 138 -8.30 -30.39 -19.12
N ILE B 139 -8.68 -29.17 -18.71
CA ILE B 139 -8.00 -28.48 -17.62
C ILE B 139 -7.99 -29.39 -16.39
N GLY B 140 -9.12 -30.03 -16.13
CA GLY B 140 -9.25 -30.81 -14.91
C GLY B 140 -8.17 -31.87 -14.89
N GLY B 141 -7.98 -32.52 -16.03
CA GLY B 141 -7.03 -33.63 -16.10
C GLY B 141 -5.67 -33.12 -15.68
N HIS B 142 -5.30 -31.97 -16.24
CA HIS B 142 -3.96 -31.50 -16.02
C HIS B 142 -3.80 -31.12 -14.56
N ILE B 143 -4.86 -30.57 -13.96
CA ILE B 143 -4.72 -30.13 -12.59
C ILE B 143 -4.45 -31.37 -11.77
N LYS B 144 -5.21 -32.42 -12.09
CA LYS B 144 -5.14 -33.65 -11.32
C LYS B 144 -3.71 -34.15 -11.35
N ASN B 145 -3.08 -33.99 -12.51
CA ASN B 145 -1.75 -34.54 -12.67
C ASN B 145 -0.66 -33.58 -12.25
N LEU B 146 -0.93 -32.28 -12.27
CA LEU B 146 0.22 -31.37 -12.23
C LEU B 146 0.26 -30.47 -11.01
N CYS B 147 -0.92 -30.13 -10.50
CA CYS B 147 -1.01 -29.27 -9.33
C CYS B 147 -2.23 -29.61 -8.47
N PRO B 148 -2.27 -30.84 -7.93
CA PRO B 148 -3.45 -31.28 -7.18
C PRO B 148 -3.66 -30.55 -5.86
N ASN B 149 -2.63 -29.87 -5.37
CA ASN B 149 -2.74 -29.10 -4.13
C ASN B 149 -3.04 -27.61 -4.37
N ALA B 150 -3.31 -27.25 -5.61
CA ALA B 150 -3.58 -25.85 -5.93
C ALA B 150 -4.94 -25.41 -5.44
N PHE B 151 -5.07 -24.13 -5.15
CA PHE B 151 -6.35 -23.49 -4.87
C PHE B 151 -6.91 -22.99 -6.19
N ILE B 152 -8.16 -23.36 -6.50
CA ILE B 152 -8.74 -23.08 -7.82
C ILE B 152 -9.89 -22.07 -7.76
N ILE B 153 -9.83 -21.05 -8.61
CA ILE B 153 -10.93 -20.11 -8.75
C ILE B 153 -11.46 -20.19 -10.16
N VAL B 154 -12.74 -20.49 -10.31
CA VAL B 154 -13.33 -20.59 -11.64
C VAL B 154 -14.16 -19.37 -11.97
N VAL B 155 -14.02 -18.85 -13.18
CA VAL B 155 -14.71 -17.63 -13.59
C VAL B 155 -15.60 -17.86 -14.81
N THR B 156 -15.22 -18.84 -15.63
CA THR B 156 -15.95 -19.17 -16.85
C THR B 156 -17.45 -19.35 -16.61
N ASN B 157 -18.27 -18.69 -17.42
CA ASN B 157 -19.72 -18.70 -17.24
C ASN B 157 -20.42 -19.85 -17.98
N PRO B 158 -21.55 -20.37 -17.43
CA PRO B 158 -22.16 -20.01 -16.14
C PRO B 158 -21.36 -20.60 -14.99
N VAL B 159 -20.87 -19.74 -14.12
CA VAL B 159 -19.81 -20.14 -13.22
C VAL B 159 -20.26 -21.22 -12.24
N ASP B 160 -21.51 -21.18 -11.78
CA ASP B 160 -21.95 -22.15 -10.78
C ASP B 160 -22.02 -23.58 -11.35
N VAL B 161 -22.19 -23.70 -12.66
CA VAL B 161 -22.05 -24.99 -13.34
C VAL B 161 -20.58 -25.37 -13.56
N MET B 162 -19.85 -24.45 -14.21
CA MET B 162 -18.47 -24.72 -14.61
C MET B 162 -17.59 -25.09 -13.42
N VAL B 163 -17.79 -24.42 -12.28
CA VAL B 163 -16.97 -24.69 -11.11
C VAL B 163 -17.20 -26.13 -10.62
N GLN B 164 -18.43 -26.62 -10.69
CA GLN B 164 -18.70 -28.01 -10.28
C GLN B 164 -18.10 -29.00 -11.27
N LEU B 165 -18.19 -28.69 -12.56
CA LEU B 165 -17.59 -29.57 -13.58
C LEU B 165 -16.07 -29.69 -13.36
N LEU B 166 -15.41 -28.56 -13.10
CA LEU B 166 -13.97 -28.62 -12.89
C LEU B 166 -13.61 -29.29 -11.55
N PHE B 167 -14.47 -29.12 -10.54
CA PHE B 167 -14.34 -29.84 -9.27
C PHE B 167 -14.33 -31.35 -9.51
N GLU B 168 -15.33 -31.82 -10.23
CA GLU B 168 -15.46 -33.24 -10.52
C GLU B 168 -14.28 -33.76 -11.35
N HIS B 169 -13.88 -33.02 -12.38
CA HIS B 169 -12.83 -33.53 -13.29
C HIS B 169 -11.41 -33.35 -12.79
N SER B 170 -11.21 -32.51 -11.78
CA SER B 170 -9.87 -32.26 -11.26
C SER B 170 -9.56 -33.10 -10.04
N GLY B 171 -10.61 -33.52 -9.33
CA GLY B 171 -10.44 -34.31 -8.13
C GLY B 171 -9.90 -33.56 -6.91
N VAL B 172 -9.87 -32.23 -6.96
CA VAL B 172 -9.40 -31.45 -5.81
C VAL B 172 -10.45 -31.48 -4.69
N PRO B 173 -10.02 -31.29 -3.43
CA PRO B 173 -10.95 -31.26 -2.29
C PRO B 173 -11.95 -30.11 -2.39
N LYS B 174 -13.12 -30.27 -1.77
CA LYS B 174 -14.18 -29.28 -1.86
C LYS B 174 -13.78 -27.93 -1.29
N ASN B 175 -12.86 -27.93 -0.33
CA ASN B 175 -12.41 -26.67 0.25
C ASN B 175 -11.36 -25.93 -0.59
N LYS B 176 -11.00 -26.47 -1.76
CA LYS B 176 -9.91 -25.89 -2.56
C LYS B 176 -10.34 -25.37 -3.93
N ILE B 177 -11.64 -25.25 -4.14
CA ILE B 177 -12.14 -24.76 -5.42
C ILE B 177 -13.43 -23.97 -5.20
N ILE B 178 -13.44 -22.74 -5.72
CA ILE B 178 -14.62 -21.87 -5.61
C ILE B 178 -14.87 -21.14 -6.92
N GLY B 179 -16.07 -20.58 -7.04
CA GLY B 179 -16.40 -19.77 -8.20
C GLY B 179 -16.58 -18.29 -7.89
N LEU B 180 -16.20 -17.44 -8.83
CA LEU B 180 -16.48 -16.01 -8.74
C LEU B 180 -17.98 -15.75 -8.82
N GLY B 181 -18.52 -14.95 -7.91
CA GLY B 181 -19.89 -14.52 -8.05
C GLY B 181 -20.20 -13.34 -7.16
N GLY B 182 -20.42 -13.64 -5.88
CA GLY B 182 -20.88 -12.66 -4.92
C GLY B 182 -19.99 -11.46 -4.72
N VAL B 183 -18.66 -11.62 -4.81
CA VAL B 183 -17.79 -10.48 -4.55
C VAL B 183 -18.00 -9.40 -5.64
N LEU B 184 -18.13 -9.85 -6.89
CA LEU B 184 -18.39 -8.93 -8.01
C LEU B 184 -19.80 -8.27 -7.94
N ASP B 185 -20.81 -9.13 -7.85
CA ASP B 185 -22.21 -8.67 -7.80
C ASP B 185 -22.44 -7.69 -6.64
N THR B 186 -21.92 -8.09 -5.47
CA THR B 186 -22.12 -7.21 -4.32
C THR B 186 -21.27 -5.97 -4.48
N SER B 187 -20.14 -6.02 -5.19
CA SER B 187 -19.42 -4.76 -5.41
C SER B 187 -20.31 -3.76 -6.16
N ARG B 188 -21.08 -4.29 -7.13
CA ARG B 188 -22.02 -3.38 -7.81
C ARG B 188 -23.05 -2.78 -6.84
N LEU B 189 -23.72 -3.67 -6.10
CA LEU B 189 -24.75 -3.18 -5.14
C LEU B 189 -24.22 -2.13 -4.12
N LYS B 190 -23.10 -2.49 -3.49
CA LYS B 190 -22.45 -1.63 -2.52
C LYS B 190 -22.12 -0.29 -3.16
N TYR B 191 -21.57 -0.34 -4.38
CA TYR B 191 -21.16 0.92 -5.01
C TYR B 191 -22.38 1.83 -5.28
N TYR B 192 -23.43 1.28 -5.88
CA TYR B 192 -24.59 2.11 -6.21
C TYR B 192 -25.24 2.75 -4.95
N ILE B 193 -25.39 1.92 -3.91
CA ILE B 193 -25.93 2.43 -2.65
C ILE B 193 -25.05 3.53 -2.09
N SER B 194 -23.73 3.30 -2.14
CA SER B 194 -22.78 4.25 -1.56
C SER B 194 -22.88 5.58 -2.27
N GLN B 195 -23.15 5.52 -3.58
CA GLN B 195 -23.23 6.76 -4.32
C GLN B 195 -24.51 7.51 -3.97
N LYS B 196 -25.62 6.79 -3.78
CA LYS B 196 -26.83 7.49 -3.32
C LYS B 196 -26.68 8.11 -1.91
N LEU B 197 -25.97 7.43 -1.01
CA LEU B 197 -25.89 7.90 0.37
C LEU B 197 -24.66 8.77 0.67
N ASN B 198 -23.81 8.94 -0.34
CA ASN B 198 -22.59 9.74 -0.22
CA ASN B 198 -22.56 9.72 -0.26
C ASN B 198 -21.64 9.24 0.86
N VAL B 199 -21.32 7.95 0.84
CA VAL B 199 -20.36 7.37 1.76
C VAL B 199 -19.34 6.54 0.98
N CYS B 200 -18.28 6.16 1.67
CA CYS B 200 -17.24 5.28 1.10
C CYS B 200 -17.85 3.97 0.61
N PRO B 201 -17.58 3.58 -0.65
CA PRO B 201 -18.17 2.35 -1.20
C PRO B 201 -17.99 1.11 -0.31
N ARG B 202 -16.81 0.94 0.26
CA ARG B 202 -16.52 -0.24 1.07
C ARG B 202 -17.29 -0.26 2.40
N ASP B 203 -17.84 0.89 2.80
CA ASP B 203 -18.58 0.96 4.06
C ASP B 203 -20.03 0.52 3.92
N VAL B 204 -20.45 0.22 2.69
CA VAL B 204 -21.72 -0.46 2.49
C VAL B 204 -21.45 -1.95 2.49
N ASN B 205 -22.20 -2.72 3.28
CA ASN B 205 -22.10 -4.16 3.15
C ASN B 205 -23.40 -4.77 2.68
N ALA B 206 -23.30 -5.85 1.93
CA ALA B 206 -24.46 -6.48 1.34
C ALA B 206 -24.13 -7.90 0.94
N LEU B 207 -25.17 -8.73 0.86
CA LEU B 207 -25.04 -10.13 0.49
C LEU B 207 -25.91 -10.42 -0.72
N ILE B 208 -25.32 -11.08 -1.71
CA ILE B 208 -26.05 -11.58 -2.88
C ILE B 208 -25.69 -13.04 -3.03
N VAL B 209 -26.69 -13.92 -3.02
CA VAL B 209 -26.42 -15.36 -2.92
C VAL B 209 -27.09 -16.19 -4.01
N GLY B 210 -26.88 -17.51 -3.94
CA GLY B 210 -27.57 -18.43 -4.82
C GLY B 210 -26.81 -18.76 -6.08
N ALA B 211 -26.75 -17.79 -6.99
CA ALA B 211 -25.98 -17.96 -8.22
C ALA B 211 -25.52 -16.62 -8.77
N HIS B 212 -24.46 -16.66 -9.56
CA HIS B 212 -24.06 -15.53 -10.37
C HIS B 212 -25.02 -15.47 -11.56
N GLY B 213 -25.35 -14.28 -12.06
CA GLY B 213 -26.26 -14.19 -13.19
C GLY B 213 -27.66 -13.73 -12.81
N ASN B 214 -28.59 -13.81 -13.76
CA ASN B 214 -29.89 -13.14 -13.61
C ASN B 214 -30.75 -13.66 -12.46
N LYS B 215 -30.45 -14.86 -11.97
CA LYS B 215 -31.21 -15.41 -10.84
C LYS B 215 -30.60 -15.07 -9.48
N MET B 216 -29.57 -14.21 -9.48
CA MET B 216 -28.90 -13.84 -8.23
C MET B 216 -29.91 -13.35 -7.20
N VAL B 217 -29.68 -13.71 -5.94
CA VAL B 217 -30.63 -13.36 -4.86
C VAL B 217 -30.11 -12.17 -4.07
N LEU B 218 -30.76 -11.01 -4.24
CA LEU B 218 -30.34 -9.79 -3.56
C LEU B 218 -31.12 -9.68 -2.26
N LEU B 219 -30.40 -9.66 -1.13
CA LEU B 219 -31.06 -9.73 0.19
C LEU B 219 -31.17 -8.36 0.88
N LYS B 220 -32.30 -7.68 0.66
CA LYS B 220 -32.49 -6.33 1.20
C LYS B 220 -32.27 -6.23 2.72
N ARG B 221 -32.71 -7.27 3.41
CA ARG B 221 -32.64 -7.36 4.86
C ARG B 221 -31.19 -7.29 5.38
N TYR B 222 -30.25 -7.73 4.55
CA TYR B 222 -28.85 -7.84 4.95
C TYR B 222 -27.95 -6.68 4.48
N ILE B 223 -28.54 -5.54 4.14
CA ILE B 223 -27.74 -4.39 3.73
C ILE B 223 -27.51 -3.46 4.91
N THR B 224 -26.24 -3.09 5.10
CA THR B 224 -25.84 -2.14 6.15
C THR B 224 -24.96 -1.04 5.55
N VAL B 225 -24.93 0.09 6.23
CA VAL B 225 -24.11 1.23 5.84
C VAL B 225 -23.35 1.71 7.07
N GLY B 226 -22.03 1.60 7.06
CA GLY B 226 -21.25 1.87 8.27
C GLY B 226 -21.73 1.01 9.46
N GLY B 227 -22.20 -0.19 9.18
CA GLY B 227 -22.66 -1.12 10.21
C GLY B 227 -24.12 -0.94 10.58
N ILE B 228 -24.77 0.06 9.99
CA ILE B 228 -26.14 0.44 10.33
C ILE B 228 -27.15 -0.11 9.32
N PRO B 229 -28.25 -0.74 9.79
CA PRO B 229 -29.23 -1.29 8.85
C PRO B 229 -29.70 -0.25 7.85
N LEU B 230 -29.78 -0.64 6.58
CA LEU B 230 -30.26 0.23 5.51
C LEU B 230 -31.63 0.85 5.84
N GLN B 231 -32.45 0.07 6.53
CA GLN B 231 -33.80 0.50 6.87
C GLN B 231 -33.81 1.80 7.66
N GLU B 232 -32.76 2.06 8.44
CA GLU B 232 -32.69 3.30 9.19
C GLU B 232 -32.56 4.48 8.22
N PHE B 233 -31.83 4.27 7.13
CA PHE B 233 -31.66 5.31 6.13
C PHE B 233 -32.92 5.46 5.29
N ILE B 234 -33.66 4.37 5.08
CA ILE B 234 -34.94 4.48 4.39
C ILE B 234 -35.97 5.25 5.25
N ASN B 235 -36.00 4.95 6.54
CA ASN B 235 -36.84 5.66 7.51
C ASN B 235 -36.54 7.16 7.56
N ASN B 236 -35.26 7.51 7.46
CA ASN B 236 -34.84 8.92 7.45
C ASN B 236 -34.96 9.58 6.10
N LYS B 237 -35.57 8.87 5.16
CA LYS B 237 -35.79 9.36 3.79
C LYS B 237 -34.51 9.81 3.08
N LYS B 238 -33.40 9.08 3.31
CA LYS B 238 -32.15 9.35 2.59
C LYS B 238 -32.13 8.55 1.30
N ILE B 239 -33.00 7.56 1.25
CA ILE B 239 -33.15 6.68 0.10
C ILE B 239 -34.51 6.01 0.26
N THR B 240 -35.21 5.82 -0.85
CA THR B 240 -36.54 5.20 -0.78
C THR B 240 -36.52 3.73 -1.16
N ASP B 241 -37.57 3.00 -0.81
CA ASP B 241 -37.69 1.59 -1.21
C ASP B 241 -37.67 1.44 -2.74
N GLU B 242 -38.23 2.45 -3.42
CA GLU B 242 -38.29 2.42 -4.88
C GLU B 242 -36.88 2.58 -5.47
N GLU B 243 -36.10 3.46 -4.87
CA GLU B 243 -34.73 3.68 -5.31
C GLU B 243 -33.90 2.42 -5.08
N VAL B 244 -34.14 1.77 -3.94
CA VAL B 244 -33.46 0.51 -3.62
C VAL B 244 -33.81 -0.56 -4.64
N GLU B 245 -35.07 -0.64 -5.03
CA GLU B 245 -35.45 -1.61 -6.04
C GLU B 245 -34.79 -1.31 -7.39
N GLY B 246 -34.73 -0.02 -7.75
CA GLY B 246 -34.04 0.38 -8.97
C GLY B 246 -32.56 -0.04 -8.96
N ILE B 247 -31.95 0.11 -7.79
CA ILE B 247 -30.54 -0.26 -7.61
C ILE B 247 -30.35 -1.78 -7.69
N PHE B 248 -31.31 -2.54 -7.14
CA PHE B 248 -31.30 -4.00 -7.29
C PHE B 248 -31.32 -4.41 -8.77
N ASP B 249 -32.27 -3.83 -9.50
CA ASP B 249 -32.35 -4.14 -10.94
C ASP B 249 -31.06 -3.75 -11.66
N ARG B 250 -30.48 -2.61 -11.28
CA ARG B 250 -29.27 -2.17 -11.93
C ARG B 250 -28.10 -3.11 -11.63
N THR B 251 -28.06 -3.65 -10.41
CA THR B 251 -27.05 -4.62 -10.02
C THR B 251 -27.18 -5.86 -10.90
N VAL B 252 -28.41 -6.35 -11.02
CA VAL B 252 -28.62 -7.52 -11.88
C VAL B 252 -28.22 -7.24 -13.33
N ASN B 253 -28.56 -6.04 -13.82
CA ASN B 253 -28.38 -5.68 -15.23
C ASN B 253 -27.03 -5.06 -15.58
N THR B 254 -26.09 -5.04 -14.63
CA THR B 254 -24.87 -4.24 -14.84
C THR B 254 -24.00 -4.73 -16.01
N ALA B 255 -23.84 -6.04 -16.15
CA ALA B 255 -23.02 -6.56 -17.25
C ALA B 255 -23.63 -6.17 -18.60
N LEU B 256 -24.95 -6.30 -18.70
CA LEU B 256 -25.65 -5.90 -19.90
C LEU B 256 -25.53 -4.39 -20.12
N GLU B 257 -25.56 -3.61 -19.04
CA GLU B 257 -25.47 -2.15 -19.19
C GLU B 257 -24.10 -1.79 -19.78
N ILE B 258 -23.08 -2.48 -19.31
CA ILE B 258 -21.72 -2.19 -19.77
C ILE B 258 -21.54 -2.63 -21.22
N VAL B 259 -22.07 -3.81 -21.55
CA VAL B 259 -21.98 -4.33 -22.92
C VAL B 259 -22.75 -3.43 -23.90
N ASN B 260 -23.92 -2.94 -23.47
CA ASN B 260 -24.71 -2.04 -24.30
C ASN B 260 -23.99 -0.73 -24.58
N LEU B 261 -23.10 -0.32 -23.69
CA LEU B 261 -22.30 0.90 -23.87
C LEU B 261 -21.02 0.64 -24.67
N LEU B 262 -20.94 -0.53 -25.28
CA LEU B 262 -19.85 -0.92 -26.19
C LEU B 262 -18.55 -1.15 -25.43
N ALA B 263 -18.66 -1.57 -24.17
CA ALA B 263 -17.49 -1.97 -23.40
C ALA B 263 -17.70 -3.39 -22.92
N SER B 264 -16.84 -3.86 -22.02
CA SER B 264 -17.01 -5.19 -21.45
C SER B 264 -16.52 -5.18 -20.01
N PRO B 265 -17.24 -5.86 -19.10
CA PRO B 265 -16.77 -5.85 -17.70
C PRO B 265 -15.51 -6.70 -17.53
N TYR B 266 -14.37 -6.07 -17.23
CA TYR B 266 -13.21 -6.86 -16.83
C TYR B 266 -12.40 -6.28 -15.67
N VAL B 267 -12.51 -4.99 -15.41
CA VAL B 267 -11.70 -4.40 -14.33
C VAL B 267 -12.23 -4.84 -12.95
N ALA B 268 -13.53 -4.66 -12.73
CA ALA B 268 -14.12 -5.07 -11.46
C ALA B 268 -14.06 -6.60 -11.28
N PRO B 269 -14.38 -7.39 -12.33
CA PRO B 269 -14.19 -8.84 -12.17
C PRO B 269 -12.76 -9.25 -11.75
N ALA B 270 -11.76 -8.67 -12.42
CA ALA B 270 -10.38 -8.99 -12.08
C ALA B 270 -10.08 -8.59 -10.63
N ALA B 271 -10.49 -7.39 -10.22
CA ALA B 271 -10.23 -6.96 -8.85
C ALA B 271 -10.90 -7.89 -7.82
N ALA B 272 -12.11 -8.37 -8.13
CA ALA B 272 -12.82 -9.28 -7.22
C ALA B 272 -12.08 -10.62 -7.08
N ILE B 273 -11.64 -11.13 -8.23
CA ILE B 273 -10.90 -12.40 -8.23
C ILE B 273 -9.60 -12.26 -7.43
N ILE B 274 -8.90 -11.15 -7.62
CA ILE B 274 -7.65 -10.96 -6.90
C ILE B 274 -7.92 -10.78 -5.40
N GLU B 275 -9.04 -10.16 -5.02
CA GLU B 275 -9.37 -10.08 -3.60
C GLU B 275 -9.51 -11.50 -3.00
N MET B 276 -10.20 -12.38 -3.73
CA MET B 276 -10.34 -13.76 -3.27
C MET B 276 -8.97 -14.49 -3.14
N ALA B 277 -8.19 -14.44 -4.24
CA ALA B 277 -6.88 -15.11 -4.29
C ALA B 277 -5.97 -14.61 -3.17
N GLU B 278 -5.97 -13.30 -2.95
CA GLU B 278 -5.13 -12.71 -1.93
C GLU B 278 -5.58 -13.15 -0.56
N SER B 279 -6.89 -13.26 -0.34
CA SER B 279 -7.33 -13.74 0.97
C SER B 279 -6.79 -15.15 1.23
N TYR B 280 -6.72 -15.98 0.19
CA TYR B 280 -6.07 -17.29 0.35
C TYR B 280 -4.55 -17.22 0.60
N LEU B 281 -3.85 -16.49 -0.26
CA LEU B 281 -2.39 -16.44 -0.27
C LEU B 281 -1.78 -15.79 0.95
N LYS B 282 -2.52 -14.88 1.58
CA LYS B 282 -2.04 -14.21 2.76
C LYS B 282 -2.78 -14.63 4.03
N ASP B 283 -3.64 -15.65 3.91
CA ASP B 283 -4.41 -16.18 5.05
C ASP B 283 -5.13 -15.05 5.82
N ILE B 284 -5.93 -14.28 5.10
CA ILE B 284 -6.56 -13.12 5.72
C ILE B 284 -7.88 -13.48 6.41
N LYS B 285 -8.51 -14.55 5.93
CA LYS B 285 -9.78 -15.05 6.46
C LYS B 285 -10.90 -14.03 6.28
N LYS B 286 -10.89 -13.35 5.13
CA LYS B 286 -12.03 -12.50 4.77
C LYS B 286 -13.31 -13.32 4.56
N VAL B 287 -14.44 -12.71 4.92
CA VAL B 287 -15.74 -13.23 4.54
C VAL B 287 -16.07 -12.74 3.15
N LEU B 288 -16.21 -13.66 2.22
CA LEU B 288 -16.43 -13.33 0.82
C LEU B 288 -17.50 -14.27 0.29
N VAL B 289 -18.46 -13.73 -0.45
CA VAL B 289 -19.50 -14.58 -1.02
C VAL B 289 -18.99 -15.20 -2.32
N CYS B 290 -18.84 -16.52 -2.32
CA CYS B 290 -18.38 -17.21 -3.52
C CYS B 290 -19.22 -18.45 -3.75
N SER B 291 -19.04 -19.06 -4.92
CA SER B 291 -19.75 -20.28 -5.24
C SER B 291 -19.00 -21.46 -4.65
N THR B 292 -19.70 -22.29 -3.88
CA THR B 292 -19.05 -23.39 -3.17
C THR B 292 -19.96 -24.61 -3.19
N LEU B 293 -19.39 -25.79 -2.94
CA LEU B 293 -20.19 -27.01 -2.90
C LEU B 293 -21.15 -26.98 -1.71
N LEU B 294 -22.44 -27.14 -1.99
CA LEU B 294 -23.45 -27.20 -0.95
C LEU B 294 -23.63 -28.65 -0.50
N GLU B 295 -23.65 -28.85 0.81
CA GLU B 295 -23.81 -30.17 1.39
C GLU B 295 -24.97 -30.16 2.38
N GLY B 296 -26.13 -29.66 1.94
CA GLY B 296 -27.30 -29.58 2.80
C GLY B 296 -27.70 -28.16 3.16
N GLN B 297 -26.78 -27.21 3.01
CA GLN B 297 -27.11 -25.82 3.30
C GLN B 297 -28.24 -25.35 2.39
N TYR B 298 -29.15 -24.57 2.96
CA TYR B 298 -30.33 -24.07 2.25
C TYR B 298 -31.19 -25.21 1.68
N GLY B 299 -30.97 -26.42 2.15
CA GLY B 299 -31.73 -27.58 1.70
C GLY B 299 -31.24 -28.16 0.38
N HIS B 300 -29.98 -27.91 0.03
CA HIS B 300 -29.46 -28.37 -1.25
C HIS B 300 -28.15 -29.13 -1.13
N SER B 301 -28.02 -30.15 -1.97
CA SER B 301 -26.79 -30.93 -2.04
C SER B 301 -26.40 -31.19 -3.48
N ASN B 302 -25.17 -31.64 -3.68
CA ASN B 302 -24.68 -32.04 -5.00
C ASN B 302 -24.80 -30.93 -6.03
N ILE B 303 -24.55 -29.71 -5.59
CA ILE B 303 -24.65 -28.53 -6.44
C ILE B 303 -23.80 -27.43 -5.81
N PHE B 304 -23.27 -26.54 -6.63
CA PHE B 304 -22.54 -25.36 -6.13
C PHE B 304 -23.46 -24.15 -6.12
N GLY B 305 -23.35 -23.33 -5.08
CA GLY B 305 -24.11 -22.10 -5.04
C GLY B 305 -23.38 -21.00 -4.30
N GLY B 306 -23.78 -19.76 -4.53
CA GLY B 306 -23.15 -18.61 -3.90
C GLY B 306 -23.59 -18.46 -2.47
N THR B 307 -22.62 -18.34 -1.56
CA THR B 307 -22.91 -18.13 -0.15
C THR B 307 -21.68 -17.50 0.51
N PRO B 308 -21.89 -16.74 1.62
CA PRO B 308 -20.72 -16.22 2.33
C PRO B 308 -19.84 -17.35 2.84
N LEU B 309 -18.53 -17.20 2.63
CA LEU B 309 -17.52 -18.19 2.96
C LEU B 309 -16.36 -17.47 3.63
N VAL B 310 -15.56 -18.18 4.41
CA VAL B 310 -14.32 -17.60 4.90
C VAL B 310 -13.14 -18.17 4.11
N ILE B 311 -12.38 -17.29 3.44
CA ILE B 311 -11.22 -17.76 2.67
C ILE B 311 -9.93 -17.52 3.43
N GLY B 312 -9.24 -18.60 3.82
CA GLY B 312 -7.98 -18.49 4.53
C GLY B 312 -6.89 -19.35 3.90
N GLY B 313 -5.78 -19.50 4.60
CA GLY B 313 -4.62 -20.20 4.07
C GLY B 313 -4.82 -21.67 3.74
N THR B 314 -5.88 -22.28 4.28
CA THR B 314 -6.19 -23.66 3.94
C THR B 314 -7.33 -23.75 2.91
N GLY B 315 -7.77 -22.59 2.40
CA GLY B 315 -8.82 -22.58 1.41
C GLY B 315 -10.12 -22.10 2.04
N VAL B 316 -11.24 -22.73 1.67
CA VAL B 316 -12.52 -22.41 2.30
C VAL B 316 -12.50 -22.98 3.72
N GLU B 317 -12.45 -22.08 4.71
CA GLU B 317 -12.32 -22.49 6.09
C GLU B 317 -13.67 -22.61 6.78
N GLN B 318 -14.66 -21.88 6.27
CA GLN B 318 -16.01 -21.90 6.81
C GLN B 318 -16.99 -21.63 5.68
N VAL B 319 -18.10 -22.36 5.67
CA VAL B 319 -19.21 -22.02 4.81
C VAL B 319 -20.31 -21.49 5.72
N ILE B 320 -20.70 -20.24 5.52
CA ILE B 320 -21.70 -19.64 6.39
C ILE B 320 -23.07 -19.77 5.75
N GLU B 321 -24.01 -20.36 6.47
CA GLU B 321 -25.36 -20.51 5.95
C GLU B 321 -26.27 -19.43 6.53
N LEU B 322 -26.76 -18.53 5.68
CA LEU B 322 -27.65 -17.46 6.12
C LEU B 322 -28.98 -18.04 6.57
N GLN B 323 -29.56 -17.47 7.62
CA GLN B 323 -30.85 -17.90 8.11
C GLN B 323 -31.95 -17.17 7.36
N LEU B 324 -32.16 -17.61 6.11
CA LEU B 324 -33.14 -17.00 5.22
C LEU B 324 -34.58 -17.27 5.65
N ASN B 325 -35.48 -16.34 5.33
CA ASN B 325 -36.92 -16.59 5.52
C ASN B 325 -37.48 -17.33 4.31
N ALA B 326 -38.78 -17.63 4.29
CA ALA B 326 -39.29 -18.50 3.24
C ALA B 326 -39.24 -17.92 1.83
N GLU B 327 -39.54 -16.63 1.65
CA GLU B 327 -39.48 -16.05 0.31
C GLU B 327 -38.03 -16.01 -0.22
N GLU B 328 -37.11 -15.64 0.67
CA GLU B 328 -35.68 -15.64 0.36
C GLU B 328 -35.22 -17.04 -0.06
N LYS B 329 -35.66 -18.04 0.68
CA LYS B 329 -35.31 -19.42 0.37
C LYS B 329 -35.87 -19.84 -0.96
N THR B 330 -37.09 -19.39 -1.27
CA THR B 330 -37.67 -19.71 -2.58
C THR B 330 -36.84 -19.12 -3.73
N LYS B 331 -36.35 -17.89 -3.54
CA LYS B 331 -35.48 -17.28 -4.54
C LYS B 331 -34.16 -18.06 -4.69
N PHE B 332 -33.61 -18.49 -3.56
CA PHE B 332 -32.40 -19.31 -3.55
C PHE B 332 -32.63 -20.61 -4.35
N ASP B 333 -33.78 -21.24 -4.08
CA ASP B 333 -34.19 -22.47 -4.76
C ASP B 333 -34.25 -22.24 -6.26
N GLU B 334 -34.80 -21.10 -6.68
CA GLU B 334 -34.89 -20.84 -8.12
C GLU B 334 -33.52 -20.65 -8.77
N ALA B 335 -32.61 -19.98 -8.05
CA ALA B 335 -31.23 -19.84 -8.56
C ALA B 335 -30.55 -21.21 -8.77
N VAL B 336 -30.62 -22.04 -7.72
CA VAL B 336 -30.01 -23.37 -7.78
C VAL B 336 -30.68 -24.26 -8.84
N ALA B 337 -32.00 -24.12 -9.00
CA ALA B 337 -32.73 -24.86 -10.02
C ALA B 337 -32.23 -24.49 -11.41
N GLU B 338 -31.97 -23.20 -11.63
CA GLU B 338 -31.43 -22.83 -12.94
C GLU B 338 -30.01 -23.41 -13.15
N THR B 339 -29.19 -23.36 -12.10
CA THR B 339 -27.88 -24.04 -12.18
C THR B 339 -27.99 -25.53 -12.55
N LYS B 340 -28.91 -26.24 -11.90
CA LYS B 340 -29.16 -27.66 -12.17
C LYS B 340 -29.60 -27.90 -13.61
N ARG B 341 -30.56 -27.09 -14.06
CA ARG B 341 -31.05 -27.19 -15.43
C ARG B 341 -29.91 -27.06 -16.40
N MET B 342 -29.07 -26.05 -16.23
CA MET B 342 -27.95 -25.92 -17.17
C MET B 342 -26.95 -27.07 -17.06
N LYS B 343 -26.71 -27.56 -15.85
CA LYS B 343 -25.79 -28.66 -15.68
C LYS B 343 -26.26 -29.90 -16.43
N ALA B 344 -27.58 -30.11 -16.46
CA ALA B 344 -28.15 -31.26 -17.18
C ALA B 344 -27.98 -31.16 -18.71
N LEU B 345 -27.51 -30.03 -19.21
CA LEU B 345 -27.40 -29.83 -20.66
C LEU B 345 -25.99 -29.95 -21.23
N ILE B 346 -25.06 -30.50 -20.45
CA ILE B 346 -23.69 -30.61 -20.92
C ILE B 346 -23.50 -31.80 -21.85
N LYS D 34 0.94 20.04 -0.51
CA LYS D 34 1.04 18.93 0.43
C LYS D 34 0.52 19.34 1.81
N PRO D 35 -0.41 18.55 2.37
CA PRO D 35 -1.03 18.85 3.67
C PRO D 35 -0.01 19.04 4.79
N LYS D 36 -0.31 19.98 5.69
CA LYS D 36 0.47 20.17 6.90
C LYS D 36 -0.32 19.67 8.10
N ILE D 37 0.29 18.73 8.80
CA ILE D 37 -0.33 18.07 9.93
C ILE D 37 0.47 18.40 11.18
N VAL D 38 -0.16 19.06 12.14
CA VAL D 38 0.54 19.41 13.37
C VAL D 38 0.06 18.54 14.51
N LEU D 39 1.00 17.85 15.14
CA LEU D 39 0.73 17.01 16.29
C LEU D 39 1.02 17.83 17.54
N VAL D 40 -0.05 18.33 18.19
CA VAL D 40 0.13 19.08 19.42
C VAL D 40 0.20 18.06 20.55
N GLY D 41 1.44 17.68 20.87
CA GLY D 41 1.71 16.59 21.79
C GLY D 41 2.52 15.54 21.02
N SER D 42 3.73 15.27 21.49
CA SER D 42 4.63 14.35 20.81
C SER D 42 5.07 13.24 21.75
N GLY D 43 4.15 12.77 22.59
CA GLY D 43 4.37 11.61 23.42
C GLY D 43 4.33 10.33 22.60
N MET D 44 4.03 9.20 23.24
CA MET D 44 4.14 7.91 22.54
C MET D 44 3.11 7.79 21.40
N ILE D 45 1.88 8.23 21.66
CA ILE D 45 0.85 8.27 20.59
C ILE D 45 1.31 9.16 19.43
N GLY D 46 1.84 10.33 19.76
CA GLY D 46 2.38 11.22 18.73
C GLY D 46 3.48 10.61 17.86
N GLY D 47 4.40 9.88 18.51
CA GLY D 47 5.45 9.17 17.80
C GLY D 47 4.86 8.17 16.81
N VAL D 48 3.87 7.40 17.26
CA VAL D 48 3.31 6.42 16.31
C VAL D 48 2.56 7.12 15.17
N MET D 49 1.86 8.21 15.48
CA MET D 49 1.15 8.93 14.44
C MET D 49 2.10 9.47 13.37
N ALA D 50 3.22 10.04 13.81
CA ALA D 50 4.20 10.56 12.85
C ALA D 50 4.77 9.43 11.98
N THR D 51 5.08 8.30 12.62
CA THR D 51 5.54 7.11 11.88
C THR D 51 4.55 6.70 10.79
N LEU D 52 3.27 6.58 11.16
CA LEU D 52 2.24 6.18 10.22
C LEU D 52 2.00 7.19 9.10
N ILE D 53 2.10 8.48 9.43
CA ILE D 53 1.93 9.52 8.43
C ILE D 53 3.03 9.38 7.37
N VAL D 54 4.27 9.16 7.81
CA VAL D 54 5.34 8.93 6.81
C VAL D 54 5.11 7.62 6.01
N GLN D 55 4.73 6.55 6.70
CA GLN D 55 4.41 5.28 6.02
C GLN D 55 3.39 5.49 4.90
N LYS D 56 2.39 6.34 5.17
CA LYS D 56 1.30 6.56 4.22
C LYS D 56 1.53 7.77 3.33
N ASN D 57 2.64 8.47 3.52
CA ASN D 57 2.99 9.66 2.75
C ASN D 57 1.85 10.68 2.78
N LEU D 58 1.26 10.90 3.95
CA LEU D 58 0.03 11.68 4.03
C LEU D 58 0.24 13.18 4.05
N GLY D 59 1.39 13.63 4.54
CA GLY D 59 1.67 15.06 4.57
C GLY D 59 2.89 15.42 5.39
N ASP D 60 3.28 16.69 5.34
CA ASP D 60 4.33 17.17 6.22
C ASP D 60 3.86 17.13 7.66
N VAL D 61 4.78 16.87 8.57
CA VAL D 61 4.43 16.72 9.99
C VAL D 61 5.23 17.66 10.88
N VAL D 62 4.52 18.40 11.72
CA VAL D 62 5.17 19.10 12.81
C VAL D 62 4.84 18.37 14.11
N MET D 63 5.88 17.89 14.77
CA MET D 63 5.75 17.29 16.09
C MET D 63 5.98 18.37 17.12
N PHE D 64 4.89 18.88 17.69
CA PHE D 64 4.99 19.91 18.73
C PHE D 64 4.92 19.29 20.13
N ASP D 65 5.69 19.85 21.06
CA ASP D 65 5.53 19.51 22.48
C ASP D 65 6.05 20.68 23.32
N VAL D 66 5.51 20.86 24.51
CA VAL D 66 6.07 21.88 25.41
C VAL D 66 7.40 21.41 25.97
N VAL D 67 7.65 20.10 25.94
CA VAL D 67 8.92 19.55 26.38
C VAL D 67 10.03 19.92 25.38
N LYS D 68 11.10 20.55 25.87
CA LYS D 68 12.16 21.02 24.97
C LYS D 68 12.96 19.87 24.34
N ASN D 69 13.32 20.04 23.07
CA ASN D 69 14.25 19.18 22.34
C ASN D 69 13.76 17.78 21.99
N MET D 70 13.01 17.15 22.89
CA MET D 70 12.52 15.79 22.65
C MET D 70 11.78 15.62 21.29
N PRO D 71 10.85 16.53 20.94
CA PRO D 71 10.19 16.33 19.64
C PRO D 71 11.12 16.58 18.44
N GLN D 72 12.13 17.43 18.60
CA GLN D 72 13.14 17.57 17.55
C GLN D 72 13.89 16.24 17.32
N GLY D 73 14.20 15.56 18.43
CA GLY D 73 14.87 14.26 18.36
C GLY D 73 13.99 13.20 17.70
N LYS D 74 12.74 13.11 18.15
CA LYS D 74 11.81 12.16 17.55
C LYS D 74 11.60 12.44 16.07
N ALA D 75 11.47 13.72 15.71
CA ALA D 75 11.26 14.10 14.32
C ALA D 75 12.46 13.74 13.45
N LEU D 76 13.65 13.95 13.97
CA LEU D 76 14.86 13.60 13.23
C LEU D 76 14.91 12.08 12.96
N ASP D 77 14.71 11.28 14.01
CA ASP D 77 14.62 9.83 13.83
C ASP D 77 13.58 9.45 12.76
N THR D 78 12.37 9.96 12.92
CA THR D 78 11.26 9.63 12.02
C THR D 78 11.50 10.07 10.57
N SER D 79 12.16 11.21 10.37
CA SER D 79 12.38 11.71 9.01
C SER D 79 13.17 10.72 8.16
N HIS D 80 14.12 10.01 8.77
CA HIS D 80 14.93 9.07 7.98
C HIS D 80 14.08 7.91 7.41
N SER D 81 12.96 7.59 8.06
CA SER D 81 12.14 6.48 7.58
C SER D 81 11.46 6.79 6.23
N ASN D 82 11.48 8.05 5.79
CA ASN D 82 11.03 8.39 4.43
C ASN D 82 11.73 7.52 3.37
N VAL D 83 13.01 7.23 3.57
CA VAL D 83 13.78 6.44 2.61
C VAL D 83 13.17 5.03 2.48
N MET D 84 13.01 4.36 3.61
CA MET D 84 12.42 3.01 3.60
C MET D 84 10.98 3.02 3.09
N ALA D 85 10.26 4.10 3.33
CA ALA D 85 8.83 4.14 2.95
C ALA D 85 8.58 4.58 1.50
N TYR D 86 9.62 5.08 0.84
CA TYR D 86 9.55 5.74 -0.46
C TYR D 86 8.60 6.93 -0.40
N SER D 87 8.63 7.65 0.72
CA SER D 87 7.76 8.80 0.91
C SER D 87 8.55 10.10 0.82
N ASN D 88 7.86 11.23 0.90
CA ASN D 88 8.55 12.51 1.01
C ASN D 88 7.76 13.46 1.89
N CYS D 89 7.72 13.15 3.18
CA CYS D 89 7.08 13.99 4.19
C CYS D 89 8.15 14.67 5.02
N LYS D 90 8.13 15.99 5.11
CA LYS D 90 9.01 16.66 6.05
C LYS D 90 8.51 16.35 7.45
N VAL D 91 9.42 16.01 8.35
CA VAL D 91 9.05 15.79 9.76
C VAL D 91 9.95 16.67 10.60
N THR D 92 9.37 17.64 11.30
CA THR D 92 10.17 18.56 12.10
C THR D 92 9.65 18.59 13.52
N GLY D 93 10.49 18.99 14.47
CA GLY D 93 10.06 19.12 15.85
C GLY D 93 9.89 20.59 16.22
N SER D 94 9.05 20.89 17.18
CA SER D 94 8.75 22.28 17.54
C SER D 94 8.39 22.44 19.01
N ASN D 95 8.88 23.52 19.61
CA ASN D 95 8.40 23.91 20.94
C ASN D 95 7.68 25.25 20.88
N SER D 96 7.27 25.64 19.68
CA SER D 96 6.59 26.91 19.49
C SER D 96 5.23 26.74 18.81
N TYR D 97 4.20 27.35 19.40
CA TYR D 97 2.84 27.29 18.85
C TYR D 97 2.75 28.03 17.51
N ASP D 98 3.74 28.88 17.21
CA ASP D 98 3.75 29.61 15.94
C ASP D 98 3.69 28.67 14.74
N ASP D 99 4.18 27.45 14.92
CA ASP D 99 4.24 26.48 13.84
C ASP D 99 2.88 25.86 13.54
N LEU D 100 1.85 26.25 14.30
CA LEU D 100 0.49 25.89 13.91
C LEU D 100 0.09 26.60 12.61
N LYS D 101 0.80 27.68 12.28
CA LYS D 101 0.52 28.47 11.08
C LYS D 101 0.38 27.59 9.84
N GLY D 102 -0.77 27.67 9.19
CA GLY D 102 -0.99 26.97 7.93
C GLY D 102 -1.31 25.50 8.06
N ALA D 103 -1.62 25.05 9.28
CA ALA D 103 -1.95 23.64 9.48
C ALA D 103 -3.26 23.29 8.79
N ASP D 104 -3.28 22.15 8.11
CA ASP D 104 -4.50 21.62 7.53
C ASP D 104 -5.18 20.68 8.52
N VAL D 105 -4.37 20.00 9.31
CA VAL D 105 -4.91 19.10 10.33
C VAL D 105 -4.15 19.32 11.63
N VAL D 106 -4.87 19.37 12.74
CA VAL D 106 -4.27 19.54 14.06
C VAL D 106 -4.76 18.40 14.94
N ILE D 107 -3.84 17.63 15.51
CA ILE D 107 -4.23 16.54 16.38
C ILE D 107 -3.72 16.79 17.78
N VAL D 108 -4.63 16.90 18.75
CA VAL D 108 -4.26 17.33 20.09
C VAL D 108 -4.25 16.19 21.10
N THR D 109 -3.05 15.77 21.53
CA THR D 109 -2.90 14.72 22.52
C THR D 109 -2.32 15.28 23.83
N ALA D 110 -1.91 16.54 23.80
CA ALA D 110 -1.29 17.20 24.94
C ALA D 110 -2.26 17.28 26.11
N GLY D 111 -1.70 17.27 27.32
CA GLY D 111 -2.49 17.41 28.52
C GLY D 111 -1.98 16.47 29.59
N PHE D 112 -2.34 16.75 30.83
CA PHE D 112 -1.99 15.86 31.92
C PHE D 112 -2.77 14.57 31.82
N THR D 113 -2.14 13.47 32.22
CA THR D 113 -2.80 12.17 32.17
C THR D 113 -2.89 11.56 33.56
N LYS D 114 -3.77 10.57 33.69
CA LYS D 114 -3.79 9.71 34.86
C LYS D 114 -4.03 8.28 34.41
N ALA D 115 -3.40 7.34 35.11
CA ALA D 115 -3.60 5.92 34.84
C ALA D 115 -5.05 5.52 35.10
N PRO D 116 -5.57 4.55 34.32
CA PRO D 116 -6.96 4.12 34.51
C PRO D 116 -7.15 3.24 35.73
N ASP D 126 -10.74 13.45 38.52
CA ASP D 126 -11.44 14.69 38.18
C ASP D 126 -10.55 15.92 38.38
N ASP D 127 -9.43 15.76 39.08
CA ASP D 127 -8.57 16.88 39.40
C ASP D 127 -7.84 17.42 38.16
N LEU D 128 -7.89 16.66 37.07
CA LEU D 128 -7.26 17.04 35.82
C LEU D 128 -8.09 17.97 34.97
N LEU D 129 -9.40 18.01 35.25
CA LEU D 129 -10.31 18.81 34.44
C LEU D 129 -9.92 20.29 34.40
N PRO D 130 -9.61 20.92 35.56
CA PRO D 130 -9.21 22.35 35.40
C PRO D 130 -7.86 22.58 34.70
N LEU D 131 -6.87 21.72 34.98
CA LEU D 131 -5.56 21.81 34.32
C LEU D 131 -5.67 21.72 32.79
N ASN D 132 -6.39 20.68 32.37
CA ASN D 132 -6.51 20.43 30.94
C ASN D 132 -7.45 21.42 30.30
N ASN D 133 -8.41 21.95 31.07
CA ASN D 133 -9.20 23.07 30.59
C ASN D 133 -8.28 24.23 30.24
N LYS D 134 -7.35 24.57 31.13
CA LYS D 134 -6.43 25.68 30.84
C LYS D 134 -5.59 25.40 29.58
N ILE D 135 -5.16 24.15 29.44
CA ILE D 135 -4.44 23.78 28.23
C ILE D 135 -5.30 23.95 26.95
N MET D 136 -6.56 23.54 27.00
CA MET D 136 -7.47 23.72 25.86
C MET D 136 -7.67 25.19 25.55
N ILE D 137 -7.76 26.04 26.58
CA ILE D 137 -7.86 27.47 26.35
C ILE D 137 -6.63 28.01 25.60
N GLU D 138 -5.43 27.63 26.06
CA GLU D 138 -4.22 28.10 25.38
C GLU D 138 -4.13 27.66 23.89
N ILE D 139 -4.27 26.35 23.70
CA ILE D 139 -4.21 25.80 22.35
C ILE D 139 -5.28 26.43 21.46
N GLY D 140 -6.48 26.57 22.01
CA GLY D 140 -7.60 27.16 21.30
C GLY D 140 -7.28 28.56 20.82
N GLY D 141 -6.70 29.37 21.70
CA GLY D 141 -6.31 30.72 21.31
C GLY D 141 -5.38 30.67 20.11
N HIS D 142 -4.39 29.77 20.19
CA HIS D 142 -3.46 29.69 19.05
C HIS D 142 -4.12 29.19 17.74
N ILE D 143 -5.00 28.19 17.80
CA ILE D 143 -5.69 27.73 16.60
C ILE D 143 -6.52 28.86 15.98
N LYS D 144 -7.26 29.55 16.84
CA LYS D 144 -8.09 30.68 16.42
C LYS D 144 -7.24 31.69 15.66
N ASN D 145 -6.05 31.99 16.18
CA ASN D 145 -5.25 33.02 15.51
C ASN D 145 -4.31 32.57 14.37
N LEU D 146 -4.00 31.28 14.27
CA LEU D 146 -2.97 30.81 13.33
C LEU D 146 -3.46 29.81 12.28
N CYS D 147 -4.49 29.04 12.60
CA CYS D 147 -5.03 28.08 11.63
C CYS D 147 -6.52 27.82 11.82
N PRO D 148 -7.35 28.88 11.66
CA PRO D 148 -8.79 28.73 11.93
C PRO D 148 -9.49 27.83 10.92
N ASN D 149 -8.84 27.50 9.81
CA ASN D 149 -9.45 26.63 8.82
C ASN D 149 -9.02 25.17 8.96
N ALA D 150 -8.24 24.87 9.98
CA ALA D 150 -7.76 23.50 10.19
C ALA D 150 -8.89 22.55 10.63
N PHE D 151 -8.71 21.27 10.32
CA PHE D 151 -9.55 20.21 10.85
C PHE D 151 -8.90 19.71 12.13
N ILE D 152 -9.67 19.68 13.22
CA ILE D 152 -9.13 19.41 14.55
C ILE D 152 -9.59 18.06 15.09
N ILE D 153 -8.64 17.23 15.54
CA ILE D 153 -8.96 15.97 16.21
C ILE D 153 -8.45 16.01 17.63
N VAL D 154 -9.35 15.87 18.60
CA VAL D 154 -8.98 15.97 20.01
C VAL D 154 -8.89 14.60 20.65
N VAL D 155 -7.80 14.36 21.38
CA VAL D 155 -7.58 13.07 22.03
C VAL D 155 -7.49 13.22 23.55
N THR D 156 -7.09 14.40 24.00
CA THR D 156 -6.91 14.71 25.42
C THR D 156 -8.09 14.24 26.27
N ASN D 157 -7.83 13.46 27.32
CA ASN D 157 -8.94 12.93 28.12
C ASN D 157 -9.35 13.84 29.30
N PRO D 158 -10.63 13.77 29.72
CA PRO D 158 -11.72 13.01 29.13
C PRO D 158 -12.18 13.64 27.83
N VAL D 159 -12.09 12.89 26.74
CA VAL D 159 -12.15 13.50 25.42
C VAL D 159 -13.47 14.20 25.13
N ASP D 160 -14.59 13.65 25.60
CA ASP D 160 -15.88 14.23 25.22
C ASP D 160 -16.06 15.61 25.86
N VAL D 161 -15.42 15.84 27.00
CA VAL D 161 -15.39 17.18 27.59
C VAL D 161 -14.39 18.09 26.85
N MET D 162 -13.16 17.59 26.70
CA MET D 162 -12.06 18.41 26.18
C MET D 162 -12.30 18.87 24.76
N VAL D 163 -12.95 18.04 23.95
CA VAL D 163 -13.20 18.41 22.57
C VAL D 163 -14.17 19.60 22.53
N GLN D 164 -15.15 19.63 23.44
CA GLN D 164 -16.08 20.76 23.48
C GLN D 164 -15.36 22.02 23.98
N LEU D 165 -14.50 21.85 24.99
CA LEU D 165 -13.74 23.02 25.44
C LEU D 165 -12.89 23.62 24.33
N LEU D 166 -12.20 22.77 23.57
CA LEU D 166 -11.36 23.27 22.48
C LEU D 166 -12.21 23.88 21.37
N PHE D 167 -13.37 23.29 21.11
CA PHE D 167 -14.33 23.82 20.15
C PHE D 167 -14.68 25.25 20.53
N GLU D 168 -14.99 25.45 21.80
CA GLU D 168 -15.42 26.75 22.30
C GLU D 168 -14.30 27.79 22.29
N HIS D 169 -13.07 27.39 22.61
CA HIS D 169 -12.01 28.39 22.68
C HIS D 169 -11.26 28.60 21.35
N SER D 170 -11.48 27.72 20.37
CA SER D 170 -10.81 27.85 19.08
C SER D 170 -11.65 28.60 18.06
N GLY D 171 -12.96 28.58 18.25
CA GLY D 171 -13.88 29.21 17.31
C GLY D 171 -14.09 28.50 15.99
N VAL D 172 -13.55 27.29 15.83
CA VAL D 172 -13.73 26.57 14.57
C VAL D 172 -15.19 26.10 14.43
N PRO D 173 -15.66 25.95 13.17
CA PRO D 173 -17.02 25.46 12.93
C PRO D 173 -17.26 24.06 13.50
N LYS D 174 -18.51 23.72 13.79
CA LYS D 174 -18.83 22.44 14.42
C LYS D 174 -18.46 21.25 13.54
N ASN D 175 -18.40 21.44 12.23
CA ASN D 175 -18.05 20.34 11.33
C ASN D 175 -16.53 20.17 11.17
N LYS D 176 -15.74 20.95 11.90
CA LYS D 176 -14.28 20.90 11.72
C LYS D 176 -13.53 20.45 12.98
N ILE D 177 -14.25 19.93 13.98
CA ILE D 177 -13.60 19.42 15.17
C ILE D 177 -14.34 18.18 15.69
N ILE D 178 -13.59 17.11 15.92
CA ILE D 178 -14.14 15.88 16.48
C ILE D 178 -13.21 15.28 17.51
N GLY D 179 -13.74 14.35 18.31
CA GLY D 179 -12.95 13.73 19.36
C GLY D 179 -12.79 12.23 19.12
N LEU D 180 -11.62 11.71 19.48
CA LEU D 180 -11.38 10.28 19.36
C LEU D 180 -12.23 9.50 20.34
N GLY D 181 -12.90 8.45 19.87
CA GLY D 181 -13.56 7.55 20.78
C GLY D 181 -13.91 6.24 20.13
N GLY D 182 -15.00 6.26 19.38
CA GLY D 182 -15.56 5.08 18.77
C GLY D 182 -14.66 4.24 17.89
N VAL D 183 -13.79 4.85 17.11
CA VAL D 183 -12.93 4.07 16.21
C VAL D 183 -12.01 3.14 17.04
N LEU D 184 -11.46 3.68 18.11
CA LEU D 184 -10.60 2.90 19.01
C LEU D 184 -11.36 1.78 19.77
N ASP D 185 -12.41 2.19 20.47
CA ASP D 185 -13.18 1.24 21.26
C ASP D 185 -13.75 0.11 20.40
N THR D 186 -14.30 0.48 19.25
CA THR D 186 -14.87 -0.55 18.39
C THR D 186 -13.74 -1.37 17.80
N SER D 187 -12.54 -0.81 17.63
CA SER D 187 -11.45 -1.66 17.14
C SER D 187 -11.23 -2.80 18.12
N ARG D 188 -11.28 -2.49 19.43
CA ARG D 188 -11.17 -3.60 20.40
C ARG D 188 -12.30 -4.62 20.27
N LEU D 189 -13.54 -4.12 20.25
CA LEU D 189 -14.68 -5.06 20.14
C LEU D 189 -14.64 -5.97 18.89
N LYS D 190 -14.37 -5.34 17.75
CA LYS D 190 -14.26 -6.03 16.47
C LYS D 190 -13.16 -7.07 16.56
N TYR D 191 -12.01 -6.68 17.09
CA TYR D 191 -10.90 -7.63 17.17
C TYR D 191 -11.27 -8.86 18.02
N TYR D 192 -11.80 -8.64 19.23
CA TYR D 192 -12.07 -9.78 20.13
C TYR D 192 -13.12 -10.74 19.50
N ILE D 193 -14.15 -10.14 18.89
CA ILE D 193 -15.17 -10.99 18.27
C ILE D 193 -14.56 -11.79 17.12
N SER D 194 -13.70 -11.12 16.35
CA SER D 194 -13.15 -11.74 15.17
C SER D 194 -12.29 -12.93 15.57
N GLN D 195 -11.61 -12.83 16.71
CA GLN D 195 -10.78 -13.95 17.10
C GLN D 195 -11.64 -15.11 17.62
N LYS D 196 -12.81 -14.82 18.20
CA LYS D 196 -13.68 -15.96 18.54
C LYS D 196 -14.39 -16.60 17.33
N LEU D 197 -14.63 -15.84 16.26
CA LEU D 197 -15.30 -16.39 15.08
C LEU D 197 -14.33 -16.78 13.96
N ASN D 198 -13.05 -16.52 14.17
CA ASN D 198 -11.99 -16.85 13.20
CA ASN D 198 -11.99 -16.85 13.20
C ASN D 198 -12.22 -16.20 11.84
N VAL D 199 -12.46 -14.88 11.84
CA VAL D 199 -12.55 -14.12 10.62
C VAL D 199 -11.60 -12.95 10.69
N CYS D 200 -11.39 -12.31 9.55
CA CYS D 200 -10.59 -11.09 9.46
C CYS D 200 -11.17 -10.03 10.40
N PRO D 201 -10.32 -9.41 11.25
CA PRO D 201 -10.82 -8.44 12.23
C PRO D 201 -11.69 -7.32 11.65
N ARG D 202 -11.33 -6.78 10.50
CA ARG D 202 -12.13 -5.70 9.95
C ARG D 202 -13.47 -6.16 9.35
N ASP D 203 -13.67 -7.48 9.20
CA ASP D 203 -14.96 -7.95 8.68
C ASP D 203 -16.02 -8.01 9.78
N VAL D 204 -15.63 -7.69 11.00
CA VAL D 204 -16.59 -7.47 12.07
C VAL D 204 -16.93 -5.99 12.09
N ASN D 205 -18.21 -5.66 12.08
CA ASN D 205 -18.59 -4.27 12.27
C ASN D 205 -19.38 -4.12 13.57
N ALA D 206 -19.14 -2.99 14.24
CA ALA D 206 -19.75 -2.74 15.53
C ALA D 206 -19.83 -1.25 15.77
N LEU D 207 -20.80 -0.85 16.57
CA LEU D 207 -20.94 0.55 16.98
C LEU D 207 -20.87 0.70 18.49
N ILE D 208 -20.03 1.60 18.94
CA ILE D 208 -19.97 1.96 20.35
C ILE D 208 -20.16 3.46 20.43
N VAL D 209 -21.15 3.91 21.19
CA VAL D 209 -21.58 5.31 21.13
C VAL D 209 -21.66 6.00 22.51
N GLY D 210 -22.03 7.27 22.50
CA GLY D 210 -22.28 8.00 23.75
C GLY D 210 -21.07 8.74 24.28
N ALA D 211 -20.11 7.98 24.79
CA ALA D 211 -18.90 8.58 25.36
C ALA D 211 -17.75 7.60 25.25
N HIS D 212 -16.53 8.14 25.28
CA HIS D 212 -15.31 7.36 25.35
C HIS D 212 -14.83 7.25 26.80
N GLY D 213 -15.03 6.07 27.39
CA GLY D 213 -14.74 5.87 28.80
C GLY D 213 -15.63 4.77 29.31
N ASN D 214 -15.69 4.60 30.63
CA ASN D 214 -16.36 3.44 31.22
C ASN D 214 -17.86 3.36 30.94
N LYS D 215 -18.47 4.48 30.57
CA LYS D 215 -19.90 4.48 30.26
C LYS D 215 -20.20 4.32 28.76
N MET D 216 -19.18 3.95 27.97
CA MET D 216 -19.39 3.70 26.54
C MET D 216 -20.55 2.73 26.32
N VAL D 217 -21.37 3.02 25.32
CA VAL D 217 -22.55 2.22 25.03
C VAL D 217 -22.22 1.22 23.95
N LEU D 218 -22.20 -0.06 24.31
CA LEU D 218 -21.87 -1.10 23.34
C LEU D 218 -23.18 -1.68 22.83
N LEU D 219 -23.43 -1.48 21.53
CA LEU D 219 -24.72 -1.83 20.95
C LEU D 219 -24.72 -3.21 20.34
N LYS D 220 -25.10 -4.20 21.15
CA LYS D 220 -25.10 -5.59 20.70
C LYS D 220 -25.94 -5.79 19.45
N ARG D 221 -27.05 -5.07 19.38
CA ARG D 221 -27.97 -5.16 18.25
C ARG D 221 -27.31 -4.77 16.92
N TYR D 222 -26.26 -3.97 16.98
CA TYR D 222 -25.66 -3.45 15.76
C TYR D 222 -24.36 -4.15 15.33
N ILE D 223 -24.06 -5.30 15.92
CA ILE D 223 -22.85 -6.03 15.50
C ILE D 223 -23.13 -6.93 14.29
N THR D 224 -22.27 -6.88 13.29
CA THR D 224 -22.36 -7.79 12.16
C THR D 224 -21.00 -8.42 11.86
N VAL D 225 -21.03 -9.52 11.14
CA VAL D 225 -19.82 -10.27 10.77
C VAL D 225 -19.95 -10.60 9.30
N GLY D 226 -19.05 -10.08 8.47
CA GLY D 226 -19.21 -10.22 7.03
C GLY D 226 -20.58 -9.72 6.58
N GLY D 227 -21.11 -8.72 7.27
CA GLY D 227 -22.39 -8.11 6.91
C GLY D 227 -23.60 -8.83 7.48
N ILE D 228 -23.36 -9.93 8.19
CA ILE D 228 -24.42 -10.79 8.76
C ILE D 228 -24.65 -10.48 10.25
N PRO D 229 -25.92 -10.38 10.67
CA PRO D 229 -26.16 -10.06 12.09
C PRO D 229 -25.48 -11.05 13.03
N LEU D 230 -24.84 -10.55 14.08
CA LEU D 230 -24.17 -11.41 15.07
C LEU D 230 -25.13 -12.45 15.64
N GLN D 231 -26.40 -12.07 15.75
CA GLN D 231 -27.39 -12.96 16.32
C GLN D 231 -27.47 -14.28 15.54
N GLU D 232 -27.17 -14.27 14.24
CA GLU D 232 -27.21 -15.53 13.48
C GLU D 232 -26.10 -16.47 13.96
N PHE D 233 -24.97 -15.90 14.35
CA PHE D 233 -23.85 -16.69 14.84
C PHE D 233 -24.13 -17.17 16.26
N ILE D 234 -24.91 -16.38 17.00
CA ILE D 234 -25.31 -16.81 18.34
C ILE D 234 -26.32 -17.96 18.23
N ASN D 235 -27.25 -17.87 17.28
CA ASN D 235 -28.26 -18.91 17.04
C ASN D 235 -27.60 -20.24 16.70
N ASN D 236 -26.55 -20.18 15.88
CA ASN D 236 -25.76 -21.36 15.48
C ASN D 236 -24.76 -21.82 16.53
N LYS D 237 -24.72 -21.12 17.66
CA LYS D 237 -23.82 -21.41 18.77
C LYS D 237 -22.35 -21.30 18.37
N LYS D 238 -22.04 -20.49 17.37
CA LYS D 238 -20.64 -20.22 17.00
C LYS D 238 -19.99 -19.31 18.04
N ILE D 239 -20.86 -18.55 18.72
CA ILE D 239 -20.45 -17.72 19.85
C ILE D 239 -21.68 -17.57 20.73
N THR D 240 -21.51 -17.47 22.04
CA THR D 240 -22.65 -17.40 22.94
C THR D 240 -22.91 -15.99 23.44
N ASP D 241 -24.14 -15.74 23.89
CA ASP D 241 -24.46 -14.50 24.58
C ASP D 241 -23.49 -14.20 25.72
N GLU D 242 -23.12 -15.22 26.49
CA GLU D 242 -22.25 -15.02 27.63
C GLU D 242 -20.84 -14.60 27.21
N GLU D 243 -20.34 -15.21 26.14
CA GLU D 243 -19.03 -14.83 25.63
C GLU D 243 -19.04 -13.40 25.11
N VAL D 244 -20.16 -13.01 24.49
CA VAL D 244 -20.26 -11.63 24.01
C VAL D 244 -20.29 -10.67 25.19
N GLU D 245 -21.01 -11.01 26.27
CA GLU D 245 -20.95 -10.19 27.48
C GLU D 245 -19.52 -10.02 28.00
N GLY D 246 -18.80 -11.13 28.03
CA GLY D 246 -17.41 -11.12 28.48
C GLY D 246 -16.53 -10.22 27.62
N ILE D 247 -16.78 -10.27 26.32
CA ILE D 247 -16.05 -9.44 25.38
C ILE D 247 -16.41 -7.95 25.55
N PHE D 248 -17.68 -7.63 25.81
CA PHE D 248 -18.05 -6.25 26.14
C PHE D 248 -17.25 -5.75 27.35
N ASP D 249 -17.27 -6.54 28.43
CA ASP D 249 -16.48 -6.17 29.62
C ASP D 249 -14.99 -5.99 29.30
N ARG D 250 -14.43 -6.89 28.51
CA ARG D 250 -13.02 -6.76 28.15
C ARG D 250 -12.75 -5.49 27.33
N THR D 251 -13.68 -5.15 26.44
CA THR D 251 -13.57 -3.94 25.63
C THR D 251 -13.56 -2.68 26.50
N VAL D 252 -14.54 -2.58 27.40
CA VAL D 252 -14.57 -1.45 28.32
C VAL D 252 -13.26 -1.31 29.11
N ASN D 253 -12.69 -2.44 29.53
CA ASN D 253 -11.55 -2.41 30.44
C ASN D 253 -10.19 -2.61 29.77
N THR D 254 -10.14 -2.46 28.46
CA THR D 254 -8.91 -2.79 27.71
C THR D 254 -7.74 -1.89 28.09
N ALA D 255 -7.96 -0.58 28.25
CA ALA D 255 -6.86 0.32 28.64
C ALA D 255 -6.27 -0.14 29.97
N LEU D 256 -7.15 -0.42 30.92
CA LEU D 256 -6.73 -0.91 32.22
C LEU D 256 -5.98 -2.24 32.10
N GLU D 257 -6.44 -3.12 31.22
CA GLU D 257 -5.80 -4.41 31.03
C GLU D 257 -4.36 -4.25 30.53
N ILE D 258 -4.18 -3.34 29.59
CA ILE D 258 -2.86 -3.08 29.02
C ILE D 258 -1.95 -2.43 30.07
N VAL D 259 -2.48 -1.44 30.80
CA VAL D 259 -1.69 -0.76 31.83
C VAL D 259 -1.29 -1.72 32.96
N ASN D 260 -2.18 -2.64 33.33
CA ASN D 260 -1.87 -3.65 34.34
C ASN D 260 -0.75 -4.58 33.88
N LEU D 261 -0.60 -4.71 32.56
CA LEU D 261 0.47 -5.53 32.01
C LEU D 261 1.75 -4.73 31.80
N LEU D 262 1.78 -3.52 32.39
CA LEU D 262 2.97 -2.66 32.41
C LEU D 262 3.29 -2.09 31.04
N ALA D 263 2.29 -1.95 30.19
CA ALA D 263 2.45 -1.30 28.91
C ALA D 263 1.51 -0.11 28.86
N SER D 264 1.64 0.70 27.82
CA SER D 264 0.82 1.89 27.66
C SER D 264 0.10 1.78 26.32
N PRO D 265 -1.24 1.95 26.31
CA PRO D 265 -1.94 1.85 25.03
C PRO D 265 -1.66 3.06 24.16
N TYR D 266 -0.89 2.90 23.09
CA TYR D 266 -0.76 4.03 22.17
C TYR D 266 -0.70 3.66 20.70
N VAL D 267 -0.46 2.39 20.36
CA VAL D 267 -0.41 2.00 18.94
C VAL D 267 -1.81 2.03 18.28
N ALA D 268 -2.78 1.36 18.89
CA ALA D 268 -4.14 1.34 18.37
C ALA D 268 -4.75 2.75 18.38
N PRO D 269 -4.58 3.51 19.48
CA PRO D 269 -5.09 4.89 19.42
C PRO D 269 -4.52 5.71 18.23
N ALA D 270 -3.20 5.61 18.03
CA ALA D 270 -2.57 6.34 16.93
C ALA D 270 -3.15 5.89 15.57
N ALA D 271 -3.27 4.57 15.38
CA ALA D 271 -3.82 4.07 14.11
C ALA D 271 -5.27 4.57 13.88
N ALA D 272 -6.06 4.62 14.96
CA ALA D 272 -7.46 5.09 14.86
C ALA D 272 -7.50 6.56 14.45
N ILE D 273 -6.67 7.36 15.11
CA ILE D 273 -6.59 8.79 14.79
C ILE D 273 -6.18 8.99 13.33
N ILE D 274 -5.17 8.26 12.89
CA ILE D 274 -4.73 8.40 11.50
C ILE D 274 -5.83 7.92 10.52
N GLU D 275 -6.62 6.91 10.88
CA GLU D 275 -7.74 6.54 10.01
C GLU D 275 -8.73 7.72 9.84
N MET D 276 -9.04 8.37 10.96
CA MET D 276 -9.88 9.57 10.91
C MET D 276 -9.29 10.71 10.03
N ALA D 277 -8.03 11.03 10.31
CA ALA D 277 -7.37 12.14 9.64
C ALA D 277 -7.25 11.87 8.13
N GLU D 278 -6.94 10.62 7.78
CA GLU D 278 -6.81 10.22 6.40
C GLU D 278 -8.13 10.28 5.67
N SER D 279 -9.21 9.91 6.37
CA SER D 279 -10.52 10.02 5.74
C SER D 279 -10.84 11.48 5.41
N TYR D 280 -10.47 12.40 6.29
CA TYR D 280 -10.56 13.83 5.91
C TYR D 280 -9.65 14.27 4.74
N LEU D 281 -8.36 13.97 4.85
CA LEU D 281 -7.37 14.44 3.89
C LEU D 281 -7.58 13.90 2.48
N LYS D 282 -8.11 12.69 2.37
CA LYS D 282 -8.32 12.06 1.08
C LYS D 282 -9.79 12.04 0.67
N ASP D 283 -10.66 12.68 1.46
CA ASP D 283 -12.08 12.79 1.14
C ASP D 283 -12.68 11.41 0.86
N ILE D 284 -12.47 10.48 1.80
CA ILE D 284 -12.89 9.11 1.58
C ILE D 284 -14.36 8.90 1.96
N LYS D 285 -14.84 9.74 2.87
CA LYS D 285 -16.23 9.68 3.37
C LYS D 285 -16.51 8.35 4.07
N LYS D 286 -15.53 7.87 4.84
CA LYS D 286 -15.76 6.73 5.73
C LYS D 286 -16.79 7.09 6.82
N VAL D 287 -17.57 6.09 7.22
CA VAL D 287 -18.43 6.19 8.39
C VAL D 287 -17.58 5.77 9.59
N LEU D 288 -17.39 6.70 10.52
CA LEU D 288 -16.51 6.50 11.66
C LEU D 288 -17.19 7.06 12.89
N VAL D 289 -17.17 6.33 14.01
CA VAL D 289 -17.82 6.83 15.21
C VAL D 289 -16.86 7.72 15.97
N CYS D 290 -17.23 8.99 16.12
CA CYS D 290 -16.38 9.96 16.77
C CYS D 290 -17.24 10.86 17.62
N SER D 291 -16.61 11.63 18.50
CA SER D 291 -17.34 12.57 19.34
C SER D 291 -17.62 13.86 18.58
N THR D 292 -18.88 14.29 18.56
CA THR D 292 -19.27 15.47 17.79
C THR D 292 -20.34 16.26 18.56
N LEU D 293 -20.53 17.53 18.21
CA LEU D 293 -21.55 18.36 18.85
C LEU D 293 -22.94 17.82 18.57
N LEU D 294 -23.68 17.51 19.62
CA LEU D 294 -25.07 17.08 19.47
C LEU D 294 -25.95 18.31 19.46
N GLU D 295 -26.89 18.35 18.54
CA GLU D 295 -27.82 19.47 18.42
C GLU D 295 -29.24 18.91 18.39
N GLY D 296 -29.57 18.08 19.37
CA GLY D 296 -30.89 17.50 19.46
C GLY D 296 -30.91 16.00 19.26
N GLN D 297 -29.87 15.44 18.65
CA GLN D 297 -29.83 14.00 18.44
C GLN D 297 -29.86 13.28 19.78
N TYR D 298 -30.58 12.16 19.82
CA TYR D 298 -30.76 11.36 21.04
C TYR D 298 -31.36 12.18 22.18
N GLY D 299 -31.93 13.34 21.87
CA GLY D 299 -32.52 14.21 22.87
C GLY D 299 -31.53 15.09 23.62
N HIS D 300 -30.34 15.29 23.07
CA HIS D 300 -29.34 16.08 23.78
C HIS D 300 -28.77 17.21 22.92
N SER D 301 -28.44 18.31 23.60
CA SER D 301 -27.86 19.49 22.97
C SER D 301 -26.75 20.05 23.87
N ASN D 302 -25.99 21.00 23.33
CA ASN D 302 -24.93 21.70 24.08
C ASN D 302 -23.89 20.76 24.70
N ILE D 303 -23.70 19.60 24.08
CA ILE D 303 -22.72 18.64 24.58
C ILE D 303 -22.19 17.80 23.42
N PHE D 304 -20.98 17.28 23.56
CA PHE D 304 -20.39 16.38 22.57
C PHE D 304 -20.60 14.94 22.97
N GLY D 305 -20.94 14.10 22.00
CA GLY D 305 -21.07 12.67 22.26
C GLY D 305 -20.66 11.84 21.06
N GLY D 306 -20.31 10.58 21.32
CA GLY D 306 -19.95 9.64 20.28
C GLY D 306 -21.12 9.19 19.43
N THR D 307 -20.99 9.37 18.12
CA THR D 307 -22.00 8.87 17.20
C THR D 307 -21.35 8.60 15.83
N PRO D 308 -21.97 7.72 15.01
CA PRO D 308 -21.44 7.53 13.66
C PRO D 308 -21.51 8.84 12.86
N LEU D 309 -20.41 9.14 12.16
CA LEU D 309 -20.25 10.36 11.38
C LEU D 309 -19.69 10.00 10.03
N VAL D 310 -19.89 10.84 9.03
CA VAL D 310 -19.20 10.65 7.75
C VAL D 310 -18.09 11.68 7.69
N ILE D 311 -16.85 11.23 7.53
CA ILE D 311 -15.72 12.17 7.49
C ILE D 311 -15.21 12.30 6.06
N GLY D 312 -15.32 13.51 5.52
CA GLY D 312 -14.88 13.74 4.15
C GLY D 312 -14.10 15.04 4.04
N GLY D 313 -13.91 15.50 2.80
CA GLY D 313 -13.08 16.66 2.52
C GLY D 313 -13.54 17.96 3.17
N THR D 314 -14.83 18.06 3.49
CA THR D 314 -15.35 19.26 4.16
C THR D 314 -15.48 19.06 5.68
N GLY D 315 -14.92 17.96 6.20
CA GLY D 315 -14.97 17.68 7.62
C GLY D 315 -16.06 16.68 7.95
N VAL D 316 -16.83 16.93 9.00
CA VAL D 316 -18.01 16.12 9.28
C VAL D 316 -19.08 16.45 8.25
N GLU D 317 -19.38 15.49 7.38
CA GLU D 317 -20.31 15.74 6.29
C GLU D 317 -21.72 15.35 6.68
N GLN D 318 -21.82 14.35 7.54
CA GLN D 318 -23.10 13.86 8.02
C GLN D 318 -22.93 13.43 9.46
N VAL D 319 -23.91 13.77 10.29
CA VAL D 319 -24.01 13.19 11.63
C VAL D 319 -25.17 12.22 11.64
N ILE D 320 -24.88 10.94 11.83
CA ILE D 320 -25.91 9.93 11.73
C ILE D 320 -26.46 9.62 13.11
N GLU D 321 -27.78 9.78 13.27
CA GLU D 321 -28.43 9.46 14.53
C GLU D 321 -29.03 8.07 14.48
N LEU D 322 -28.54 7.18 15.33
CA LEU D 322 -29.03 5.81 15.36
C LEU D 322 -30.44 5.78 15.92
N GLN D 323 -31.26 4.88 15.40
CA GLN D 323 -32.64 4.74 15.86
C GLN D 323 -32.67 3.74 17.02
N LEU D 324 -32.19 4.23 18.16
CA LEU D 324 -32.06 3.40 19.35
C LEU D 324 -33.42 3.08 19.94
N ASN D 325 -33.52 1.92 20.60
CA ASN D 325 -34.72 1.62 21.37
C ASN D 325 -34.61 2.24 22.78
N ALA D 326 -35.61 2.01 23.63
CA ALA D 326 -35.66 2.65 24.95
C ALA D 326 -34.46 2.32 25.85
N GLU D 327 -34.07 1.05 25.90
CA GLU D 327 -32.98 0.61 26.75
C GLU D 327 -31.62 1.21 26.30
N GLU D 328 -31.38 1.11 25.00
CA GLU D 328 -30.19 1.71 24.40
C GLU D 328 -30.13 3.22 24.66
N LYS D 329 -31.29 3.88 24.54
CA LYS D 329 -31.37 5.31 24.78
C LYS D 329 -31.04 5.64 26.24
N THR D 330 -31.53 4.82 27.16
CA THR D 330 -31.19 4.98 28.57
C THR D 330 -29.67 4.91 28.81
N LYS D 331 -29.02 3.94 28.15
CA LYS D 331 -27.55 3.88 28.28
C LYS D 331 -26.84 5.12 27.69
N PHE D 332 -27.32 5.57 26.53
CA PHE D 332 -26.77 6.77 25.91
C PHE D 332 -26.88 7.99 26.85
N ASP D 333 -28.09 8.16 27.39
CA ASP D 333 -28.34 9.17 28.41
C ASP D 333 -27.34 9.09 29.54
N GLU D 334 -27.08 7.89 30.05
CA GLU D 334 -26.13 7.79 31.16
C GLU D 334 -24.71 8.25 30.76
N ALA D 335 -24.28 7.87 29.55
CA ALA D 335 -22.96 8.33 29.09
C ALA D 335 -22.86 9.87 29.01
N VAL D 336 -23.86 10.46 28.36
CA VAL D 336 -23.85 11.90 28.18
C VAL D 336 -23.98 12.64 29.53
N ALA D 337 -24.71 12.03 30.47
CA ALA D 337 -24.85 12.60 31.81
C ALA D 337 -23.51 12.60 32.52
N GLU D 338 -22.70 11.56 32.30
CA GLU D 338 -21.35 11.57 32.90
C GLU D 338 -20.50 12.68 32.29
N THR D 339 -20.58 12.83 30.96
CA THR D 339 -19.88 13.95 30.33
C THR D 339 -20.28 15.31 30.93
N LYS D 340 -21.59 15.52 31.13
CA LYS D 340 -22.10 16.76 31.73
C LYS D 340 -21.56 16.97 33.15
N ARG D 341 -21.64 15.90 33.93
CA ARG D 341 -21.12 15.90 35.30
C ARG D 341 -19.70 16.40 35.31
N MET D 342 -18.86 15.86 34.43
CA MET D 342 -17.47 16.29 34.43
C MET D 342 -17.28 17.70 33.89
N LYS D 343 -18.11 18.09 32.95
CA LYS D 343 -17.99 19.43 32.38
C LYS D 343 -18.22 20.46 33.49
N ALA D 344 -19.06 20.09 34.46
CA ALA D 344 -19.28 21.00 35.60
C ALA D 344 -18.07 21.20 36.54
N LEU D 345 -16.98 20.47 36.32
CA LEU D 345 -15.86 20.49 37.28
C LEU D 345 -14.58 21.17 36.76
N ILE D 346 -14.68 21.90 35.66
CA ILE D 346 -13.51 22.61 35.15
C ILE D 346 -13.24 23.90 35.93
N LYS E 34 1.07 -18.62 6.97
CA LYS E 34 1.49 -17.25 7.30
C LYS E 34 2.80 -17.29 8.09
N PRO E 35 3.81 -16.49 7.66
CA PRO E 35 5.11 -16.52 8.32
C PRO E 35 5.02 -16.24 9.81
N LYS E 36 5.92 -16.85 10.59
CA LYS E 36 6.05 -16.54 12.01
C LYS E 36 7.34 -15.74 12.24
N ILE E 37 7.16 -14.54 12.79
CA ILE E 37 8.26 -13.62 13.06
C ILE E 37 8.42 -13.47 14.57
N VAL E 38 9.57 -13.87 15.09
CA VAL E 38 9.82 -13.73 16.52
C VAL E 38 10.76 -12.55 16.78
N LEU E 39 10.26 -11.60 17.56
CA LEU E 39 11.06 -10.46 17.96
C LEU E 39 11.70 -10.78 19.31
N VAL E 40 13.00 -11.10 19.29
CA VAL E 40 13.69 -11.38 20.55
C VAL E 40 14.18 -10.04 21.09
N GLY E 41 13.37 -9.46 21.98
CA GLY E 41 13.53 -8.09 22.42
C GLY E 41 12.29 -7.29 22.01
N SER E 42 11.59 -6.74 23.00
CA SER E 42 10.35 -6.02 22.76
C SER E 42 10.44 -4.59 23.28
N GLY E 43 11.63 -4.00 23.20
CA GLY E 43 11.84 -2.61 23.56
C GLY E 43 11.33 -1.65 22.48
N MET E 44 11.95 -0.48 22.38
CA MET E 44 11.50 0.60 21.49
C MET E 44 11.46 0.15 20.00
N ILE E 45 12.57 -0.46 19.57
CA ILE E 45 12.68 -0.94 18.20
C ILE E 45 11.74 -2.11 17.94
N GLY E 46 11.70 -3.07 18.86
CA GLY E 46 10.76 -4.19 18.76
C GLY E 46 9.30 -3.77 18.61
N GLY E 47 8.89 -2.80 19.44
CA GLY E 47 7.54 -2.25 19.36
C GLY E 47 7.22 -1.66 18.00
N VAL E 48 8.13 -0.81 17.50
CA VAL E 48 7.86 -0.24 16.19
C VAL E 48 7.85 -1.33 15.09
N MET E 49 8.71 -2.35 15.22
CA MET E 49 8.71 -3.43 14.23
C MET E 49 7.37 -4.17 14.22
N ALA E 50 6.82 -4.48 15.39
CA ALA E 50 5.53 -5.18 15.42
C ALA E 50 4.42 -4.31 14.80
N THR E 51 4.47 -3.01 15.10
CA THR E 51 3.53 -2.08 14.47
C THR E 51 3.60 -2.14 12.93
N LEU E 52 4.82 -2.08 12.39
CA LEU E 52 4.99 -2.10 10.94
C LEU E 52 4.63 -3.44 10.29
N ILE E 53 4.90 -4.53 11.00
CA ILE E 53 4.56 -5.86 10.50
C ILE E 53 3.03 -5.96 10.37
N VAL E 54 2.31 -5.47 11.37
CA VAL E 54 0.86 -5.46 11.24
C VAL E 54 0.41 -4.55 10.09
N GLN E 55 0.98 -3.34 10.00
CA GLN E 55 0.63 -2.44 8.91
C GLN E 55 0.80 -3.10 7.54
N LYS E 56 1.86 -3.88 7.40
CA LYS E 56 2.16 -4.52 6.12
C LYS E 56 1.61 -5.96 5.99
N ASN E 57 0.89 -6.42 7.00
CA ASN E 57 0.30 -7.76 7.03
C ASN E 57 1.33 -8.85 6.75
N LEU E 58 2.53 -8.70 7.30
CA LEU E 58 3.66 -9.55 6.90
C LEU E 58 3.70 -10.92 7.57
N GLY E 59 3.12 -11.04 8.74
CA GLY E 59 3.10 -12.32 9.42
C GLY E 59 2.69 -12.24 10.87
N ASP E 60 2.50 -13.41 11.48
CA ASP E 60 2.23 -13.47 12.91
C ASP E 60 3.48 -13.01 13.66
N VAL E 61 3.25 -12.34 14.78
CA VAL E 61 4.35 -11.77 15.57
C VAL E 61 4.39 -12.29 16.99
N VAL E 62 5.57 -12.75 17.41
CA VAL E 62 5.80 -13.00 18.85
C VAL E 62 6.74 -11.93 19.38
N MET E 63 6.26 -11.15 20.33
CA MET E 63 7.07 -10.16 21.02
C MET E 63 7.63 -10.82 22.26
N PHE E 64 8.88 -11.27 22.17
CA PHE E 64 9.57 -11.87 23.30
C PHE E 64 10.39 -10.84 24.06
N ASP E 65 10.41 -10.97 25.39
CA ASP E 65 11.38 -10.26 26.20
C ASP E 65 11.60 -11.02 27.50
N VAL E 66 12.80 -10.90 28.09
CA VAL E 66 13.02 -11.52 29.39
C VAL E 66 12.29 -10.73 30.48
N VAL E 67 11.90 -9.50 30.18
CA VAL E 67 11.10 -8.68 31.08
C VAL E 67 9.65 -9.18 31.12
N LYS E 68 9.12 -9.44 32.32
CA LYS E 68 7.81 -10.04 32.42
C LYS E 68 6.69 -9.05 32.10
N ASN E 69 5.63 -9.57 31.49
CA ASN E 69 4.34 -8.90 31.28
C ASN E 69 4.32 -7.76 30.25
N MET E 70 5.29 -6.87 30.29
CA MET E 70 5.35 -5.76 29.33
C MET E 70 5.12 -6.20 27.86
N PRO E 71 5.76 -7.28 27.41
CA PRO E 71 5.55 -7.58 25.99
C PRO E 71 4.13 -8.09 25.68
N GLN E 72 3.51 -8.77 26.64
CA GLN E 72 2.13 -9.19 26.50
C GLN E 72 1.23 -7.94 26.37
N GLY E 73 1.59 -6.89 27.10
CA GLY E 73 0.83 -5.64 27.05
C GLY E 73 0.97 -4.92 25.72
N LYS E 74 2.23 -4.81 25.27
CA LYS E 74 2.50 -4.21 23.96
C LYS E 74 1.78 -4.98 22.87
N ALA E 75 1.85 -6.32 22.95
CA ALA E 75 1.23 -7.17 21.94
C ALA E 75 -0.29 -6.99 21.90
N LEU E 76 -0.89 -6.89 23.08
CA LEU E 76 -2.34 -6.69 23.15
C LEU E 76 -2.71 -5.37 22.47
N ASP E 77 -2.04 -4.28 22.86
CA ASP E 77 -2.28 -2.99 22.21
C ASP E 77 -2.13 -3.07 20.68
N THR E 78 -1.02 -3.64 20.24
CA THR E 78 -0.69 -3.71 18.82
C THR E 78 -1.69 -4.55 18.03
N SER E 79 -2.19 -5.62 18.64
CA SER E 79 -3.09 -6.53 17.95
C SER E 79 -4.36 -5.81 17.47
N HIS E 80 -4.87 -4.87 18.26
CA HIS E 80 -6.07 -4.13 17.87
C HIS E 80 -5.87 -3.34 16.57
N SER E 81 -4.63 -2.94 16.27
CA SER E 81 -4.39 -2.16 15.06
C SER E 81 -4.60 -2.95 13.75
N ASN E 82 -4.73 -4.29 13.84
CA ASN E 82 -5.14 -5.09 12.68
C ASN E 82 -6.43 -4.55 12.05
N VAL E 83 -7.33 -4.04 12.88
CA VAL E 83 -8.60 -3.52 12.40
C VAL E 83 -8.38 -2.32 11.47
N MET E 84 -7.64 -1.33 11.95
CA MET E 84 -7.37 -0.14 11.17
C MET E 84 -6.55 -0.47 9.93
N ALA E 85 -5.67 -1.48 10.03
CA ALA E 85 -4.79 -1.81 8.90
C ALA E 85 -5.39 -2.76 7.86
N TYR E 86 -6.58 -3.29 8.14
CA TYR E 86 -7.20 -4.37 7.38
C TYR E 86 -6.27 -5.59 7.26
N SER E 87 -5.57 -5.90 8.34
CA SER E 87 -4.62 -7.01 8.35
C SER E 87 -5.16 -8.15 9.19
N ASN E 88 -4.46 -9.27 9.17
CA ASN E 88 -4.78 -10.35 10.10
C ASN E 88 -3.51 -11.04 10.57
N CYS E 89 -2.74 -10.34 11.38
CA CYS E 89 -1.57 -10.90 12.05
C CYS E 89 -1.84 -11.11 13.52
N LYS E 90 -1.59 -12.31 14.02
CA LYS E 90 -1.65 -12.56 15.45
C LYS E 90 -0.43 -11.90 16.07
N VAL E 91 -0.63 -11.17 17.15
CA VAL E 91 0.48 -10.55 17.87
C VAL E 91 0.38 -10.97 19.33
N THR E 92 1.36 -11.75 19.79
CA THR E 92 1.33 -12.22 21.19
C THR E 92 2.63 -11.86 21.90
N GLY E 93 2.61 -11.88 23.24
CA GLY E 93 3.80 -11.60 24.03
C GLY E 93 4.33 -12.90 24.61
N SER E 94 5.62 -12.94 24.93
CA SER E 94 6.24 -14.17 25.43
C SER E 94 7.41 -13.84 26.31
N ASN E 95 7.62 -14.64 27.36
CA ASN E 95 8.82 -14.50 28.18
C ASN E 95 9.59 -15.81 28.17
N SER E 96 9.28 -16.65 27.18
CA SER E 96 9.90 -17.96 27.08
C SER E 96 10.51 -18.22 25.71
N TYR E 97 11.76 -18.69 25.69
CA TYR E 97 12.44 -18.99 24.42
C TYR E 97 11.77 -20.17 23.70
N ASP E 98 10.92 -20.92 24.41
CA ASP E 98 10.13 -21.99 23.78
C ASP E 98 9.39 -21.51 22.52
N ASP E 99 9.01 -20.25 22.52
CA ASP E 99 8.18 -19.71 21.46
C ASP E 99 8.99 -19.40 20.19
N LEU E 100 10.29 -19.68 20.23
CA LEU E 100 11.08 -19.66 18.99
C LEU E 100 10.69 -20.79 18.05
N LYS E 101 9.94 -21.77 18.55
CA LYS E 101 9.61 -22.94 17.76
C LYS E 101 8.90 -22.56 16.46
N GLY E 102 9.39 -23.10 15.35
CA GLY E 102 8.83 -22.83 14.04
C GLY E 102 8.96 -21.42 13.50
N ALA E 103 9.81 -20.59 14.10
CA ALA E 103 9.99 -19.22 13.61
C ALA E 103 10.53 -19.25 12.19
N ASP E 104 9.99 -18.37 11.34
CA ASP E 104 10.54 -18.23 9.99
C ASP E 104 11.55 -17.12 9.97
N VAL E 105 11.31 -16.10 10.80
CA VAL E 105 12.25 -14.98 10.93
C VAL E 105 12.49 -14.66 12.41
N VAL E 106 13.74 -14.46 12.79
CA VAL E 106 14.06 -14.09 14.16
C VAL E 106 14.84 -12.79 14.14
N ILE E 107 14.36 -11.78 14.85
CA ILE E 107 15.03 -10.50 14.89
C ILE E 107 15.51 -10.21 16.30
N VAL E 108 16.82 -10.13 16.48
CA VAL E 108 17.41 -9.99 17.80
C VAL E 108 17.85 -8.55 18.12
N THR E 109 17.10 -7.88 19.00
CA THR E 109 17.48 -6.55 19.50
C THR E 109 17.85 -6.57 20.98
N ALA E 110 17.59 -7.69 21.65
CA ALA E 110 17.80 -7.78 23.10
C ALA E 110 19.28 -7.65 23.47
N GLY E 111 19.53 -7.08 24.64
CA GLY E 111 20.90 -6.98 25.15
C GLY E 111 21.13 -5.74 25.97
N PHE E 112 22.24 -5.72 26.70
CA PHE E 112 22.58 -4.58 27.54
C PHE E 112 23.05 -3.41 26.72
N THR E 113 22.64 -2.22 27.14
CA THR E 113 23.09 -1.00 26.47
C THR E 113 23.74 -0.08 27.50
N LYS E 114 23.56 -0.40 28.77
CA LYS E 114 24.22 0.35 29.84
C LYS E 114 24.65 -0.59 30.97
N ALA E 115 25.57 -0.11 31.80
CA ALA E 115 26.09 -0.90 32.92
C ALA E 115 24.99 -1.18 33.94
N PRO E 116 24.76 -2.47 34.26
CA PRO E 116 23.73 -2.89 35.21
C PRO E 116 24.03 -2.43 36.64
N ARG E 125 30.30 0.82 25.53
CA ARG E 125 31.37 0.40 26.43
C ARG E 125 31.68 -1.09 26.26
N ASP E 126 32.98 -1.39 26.21
CA ASP E 126 33.47 -2.76 26.04
C ASP E 126 33.05 -3.69 27.18
N ASP E 127 32.75 -3.12 28.34
CA ASP E 127 32.35 -3.91 29.51
C ASP E 127 31.07 -4.70 29.26
N LEU E 128 30.28 -4.26 28.29
CA LEU E 128 29.03 -4.93 27.95
C LEU E 128 29.26 -6.17 27.10
N LEU E 129 30.42 -6.27 26.46
CA LEU E 129 30.62 -7.36 25.51
C LEU E 129 30.45 -8.79 26.07
N PRO E 130 31.04 -9.09 27.25
CA PRO E 130 30.84 -10.48 27.69
C PRO E 130 29.38 -10.76 28.07
N LEU E 131 28.74 -9.80 28.74
CA LEU E 131 27.33 -9.91 29.10
C LEU E 131 26.49 -10.28 27.88
N ASN E 132 26.63 -9.49 26.82
CA ASN E 132 25.87 -9.74 25.60
C ASN E 132 26.31 -11.02 24.90
N ASN E 133 27.59 -11.36 25.03
CA ASN E 133 28.04 -12.64 24.50
C ASN E 133 27.21 -13.73 25.15
N LYS E 134 27.02 -13.60 26.46
CA LYS E 134 26.31 -14.61 27.21
C LYS E 134 24.91 -14.76 26.62
N ILE E 135 24.28 -13.62 26.33
CA ILE E 135 22.93 -13.62 25.80
C ILE E 135 22.94 -14.29 24.43
N MET E 136 23.96 -13.98 23.62
CA MET E 136 23.99 -14.55 22.28
C MET E 136 24.16 -16.05 22.40
N ILE E 137 24.85 -16.51 23.43
CA ILE E 137 25.04 -17.95 23.56
C ILE E 137 23.67 -18.55 23.80
N GLU E 138 22.91 -17.96 24.72
CA GLU E 138 21.64 -18.55 25.13
C GLU E 138 20.70 -18.62 23.93
N ILE E 139 20.46 -17.46 23.29
CA ILE E 139 19.61 -17.40 22.12
C ILE E 139 20.06 -18.44 21.09
N GLY E 140 21.37 -18.54 20.90
CA GLY E 140 21.89 -19.42 19.86
C GLY E 140 21.44 -20.85 20.12
N GLY E 141 21.57 -21.28 21.37
CA GLY E 141 21.26 -22.67 21.69
C GLY E 141 19.82 -22.92 21.27
N HIS E 142 18.97 -21.97 21.62
CA HIS E 142 17.55 -22.19 21.41
C HIS E 142 17.26 -22.23 19.92
N ILE E 143 17.93 -21.36 19.17
CA ILE E 143 17.68 -21.32 17.74
C ILE E 143 18.04 -22.67 17.18
N LYS E 144 19.18 -23.19 17.63
CA LYS E 144 19.69 -24.42 17.06
C LYS E 144 18.68 -25.52 17.29
N ASN E 145 18.03 -25.47 18.45
CA ASN E 145 17.16 -26.58 18.82
C ASN E 145 15.75 -26.36 18.32
N LEU E 146 15.37 -25.10 18.07
CA LEU E 146 13.94 -24.84 17.94
C LEU E 146 13.55 -24.29 16.57
N CYS E 147 14.46 -23.56 15.95
CA CYS E 147 14.18 -23.03 14.62
C CYS E 147 15.45 -22.91 13.78
N PRO E 148 16.14 -24.04 13.55
CA PRO E 148 17.40 -23.98 12.82
C PRO E 148 17.24 -23.52 11.36
N ASN E 149 16.01 -23.49 10.85
CA ASN E 149 15.79 -23.02 9.48
C ASN E 149 15.36 -21.55 9.41
N ALA E 150 15.33 -20.87 10.55
CA ALA E 150 14.95 -19.46 10.58
C ALA E 150 15.98 -18.57 9.85
N PHE E 151 15.49 -17.49 9.26
CA PHE E 151 16.33 -16.40 8.80
C PHE E 151 16.53 -15.42 9.97
N ILE E 152 17.78 -15.07 10.26
CA ILE E 152 18.10 -14.32 11.47
C ILE E 152 18.66 -12.93 11.17
N ILE E 153 18.10 -11.92 11.80
CA ILE E 153 18.61 -10.55 11.69
C ILE E 153 19.05 -10.08 13.06
N VAL E 154 20.33 -9.75 13.21
CA VAL E 154 20.86 -9.30 14.48
C VAL E 154 20.99 -7.78 14.50
N VAL E 155 20.55 -7.15 15.59
CA VAL E 155 20.58 -5.71 15.75
C VAL E 155 21.42 -5.28 16.96
N THR E 156 21.48 -6.13 17.98
CA THR E 156 22.21 -5.85 19.24
C THR E 156 23.61 -5.31 18.95
N ASN E 157 23.99 -4.21 19.57
CA ASN E 157 25.29 -3.61 19.27
C ASN E 157 26.42 -4.09 20.18
N PRO E 158 27.66 -4.11 19.66
CA PRO E 158 28.08 -3.76 18.30
C PRO E 158 27.71 -4.87 17.34
N VAL E 159 26.89 -4.53 16.36
CA VAL E 159 26.22 -5.56 15.57
C VAL E 159 27.21 -6.46 14.84
N ASP E 160 28.32 -5.92 14.35
CA ASP E 160 29.20 -6.72 13.52
C ASP E 160 29.92 -7.82 14.32
N VAL E 161 30.09 -7.58 15.62
CA VAL E 161 30.54 -8.61 16.56
C VAL E 161 29.40 -9.60 16.94
N MET E 162 28.30 -9.03 17.42
CA MET E 162 27.19 -9.84 17.94
C MET E 162 26.64 -10.80 16.90
N VAL E 163 26.55 -10.35 15.64
CA VAL E 163 26.01 -11.22 14.60
C VAL E 163 26.92 -12.43 14.41
N GLN E 164 28.24 -12.24 14.49
CA GLN E 164 29.12 -13.39 14.35
C GLN E 164 28.99 -14.32 15.55
N LEU E 165 28.89 -13.76 16.76
CA LEU E 165 28.68 -14.62 17.93
C LEU E 165 27.41 -15.49 17.79
N LEU E 166 26.31 -14.87 17.36
CA LEU E 166 25.08 -15.64 17.20
C LEU E 166 25.20 -16.66 16.07
N PHE E 167 25.91 -16.30 15.00
CA PHE E 167 26.21 -17.23 13.93
C PHE E 167 26.88 -18.49 14.49
N GLU E 168 27.92 -18.26 15.29
CA GLU E 168 28.74 -19.33 15.83
C GLU E 168 27.95 -20.22 16.78
N HIS E 169 27.12 -19.60 17.63
CA HIS E 169 26.42 -20.39 18.66
C HIS E 169 25.08 -20.98 18.20
N SER E 170 24.55 -20.51 17.08
CA SER E 170 23.26 -21.01 16.61
C SER E 170 23.45 -22.09 15.56
N GLY E 171 24.60 -22.06 14.91
CA GLY E 171 24.92 -23.04 13.88
C GLY E 171 24.14 -22.93 12.58
N VAL E 172 23.47 -21.80 12.34
CA VAL E 172 22.76 -21.60 11.08
C VAL E 172 23.75 -21.32 9.94
N PRO E 173 23.34 -21.64 8.70
CA PRO E 173 24.17 -21.41 7.51
C PRO E 173 24.51 -19.92 7.33
N LYS E 174 25.65 -19.63 6.71
CA LYS E 174 26.10 -18.25 6.58
C LYS E 174 25.15 -17.40 5.72
N ASN E 175 24.36 -18.04 4.86
CA ASN E 175 23.41 -17.27 4.07
C ASN E 175 22.09 -17.00 4.79
N LYS E 176 21.99 -17.42 6.06
CA LYS E 176 20.74 -17.29 6.81
C LYS E 176 20.81 -16.34 8.01
N ILE E 177 21.91 -15.62 8.16
CA ILE E 177 22.01 -14.67 9.26
C ILE E 177 22.78 -13.42 8.81
N ILE E 178 22.20 -12.25 9.09
CA ILE E 178 22.85 -10.97 8.75
C ILE E 178 22.69 -9.98 9.88
N GLY E 179 23.44 -8.88 9.81
CA GLY E 179 23.33 -7.83 10.80
C GLY E 179 22.85 -6.53 10.21
N LEU E 180 22.05 -5.80 10.99
CA LEU E 180 21.62 -4.46 10.61
C LEU E 180 22.81 -3.50 10.55
N GLY E 181 22.92 -2.73 9.48
CA GLY E 181 23.93 -1.69 9.46
C GLY E 181 23.67 -0.70 8.34
N GLY E 182 24.08 -1.10 7.13
CA GLY E 182 24.05 -0.23 5.98
C GLY E 182 22.70 0.35 5.61
N VAL E 183 21.62 -0.40 5.75
CA VAL E 183 20.33 0.15 5.34
C VAL E 183 19.97 1.37 6.21
N LEU E 184 20.22 1.26 7.50
CA LEU E 184 19.99 2.40 8.40
C LEU E 184 20.91 3.62 8.15
N ASP E 185 22.22 3.35 8.15
CA ASP E 185 23.20 4.42 8.00
C ASP E 185 23.01 5.14 6.66
N THR E 186 22.81 4.34 5.61
CA THR E 186 22.61 4.95 4.31
C THR E 186 21.27 5.67 4.27
N SER E 187 20.26 5.25 5.04
CA SER E 187 19.01 6.03 5.04
C SER E 187 19.29 7.44 5.55
N ARG E 188 20.18 7.53 6.54
CA ARG E 188 20.58 8.88 6.97
C ARG E 188 21.25 9.71 5.86
N LEU E 189 22.30 9.12 5.28
CA LEU E 189 23.02 9.84 4.20
C LEU E 189 22.10 10.27 3.02
N LYS E 190 21.31 9.32 2.53
CA LYS E 190 20.35 9.54 1.47
C LYS E 190 19.40 10.67 1.84
N TYR E 191 18.87 10.62 3.05
CA TYR E 191 17.91 11.66 3.46
C TYR E 191 18.54 13.06 3.48
N TYR E 192 19.68 13.20 4.14
CA TYR E 192 20.32 14.53 4.24
C TYR E 192 20.66 15.10 2.85
N ILE E 193 21.20 14.23 1.98
CA ILE E 193 21.51 14.69 0.63
C ILE E 193 20.24 15.13 -0.11
N SER E 194 19.18 14.32 0.00
CA SER E 194 17.95 14.64 -0.71
C SER E 194 17.38 15.96 -0.24
N GLN E 195 17.55 16.28 1.03
CA GLN E 195 17.02 17.55 1.53
C GLN E 195 17.84 18.72 1.01
N LYS E 196 19.16 18.56 0.93
CA LYS E 196 19.92 19.65 0.30
C LYS E 196 19.57 19.85 -1.20
N LEU E 197 19.35 18.75 -1.92
CA LEU E 197 19.08 18.85 -3.36
C LEU E 197 17.61 18.95 -3.76
N ASN E 198 16.73 18.88 -2.75
CA ASN E 198 15.29 18.97 -2.95
CA ASN E 198 15.28 18.96 -2.93
C ASN E 198 14.73 17.90 -3.89
N VAL E 199 15.12 16.65 -3.65
CA VAL E 199 14.56 15.53 -4.39
C VAL E 199 13.98 14.48 -3.43
N CYS E 200 13.24 13.53 -3.99
CA CYS E 200 12.72 12.41 -3.21
C CYS E 200 13.87 11.66 -2.51
N PRO E 201 13.77 11.45 -1.20
CA PRO E 201 14.84 10.78 -0.44
C PRO E 201 15.32 9.47 -1.06
N ARG E 202 14.38 8.63 -1.51
CA ARG E 202 14.75 7.33 -2.06
C ARG E 202 15.44 7.43 -3.43
N ASP E 203 15.37 8.59 -4.07
CA ASP E 203 16.06 8.75 -5.35
C ASP E 203 17.56 9.02 -5.16
N VAL E 204 17.99 9.22 -3.92
CA VAL E 204 19.42 9.27 -3.64
C VAL E 204 19.90 7.85 -3.36
N ASN E 205 20.97 7.41 -4.01
CA ASN E 205 21.53 6.13 -3.65
C ASN E 205 22.93 6.31 -3.12
N ALA E 206 23.30 5.50 -2.14
CA ALA E 206 24.59 5.61 -1.50
C ALA E 206 24.92 4.30 -0.83
N LEU E 207 26.21 4.07 -0.62
CA LEU E 207 26.71 2.85 0.00
C LEU E 207 27.58 3.23 1.19
N ILE E 208 27.29 2.63 2.33
CA ILE E 208 28.14 2.78 3.52
C ILE E 208 28.53 1.37 3.96
N VAL E 209 29.82 1.09 4.13
CA VAL E 209 30.26 -0.30 4.28
C VAL E 209 31.18 -0.50 5.47
N GLY E 210 31.59 -1.75 5.69
CA GLY E 210 32.62 -2.06 6.68
C GLY E 210 32.09 -2.45 8.04
N ALA E 211 31.56 -1.47 8.76
CA ALA E 211 30.96 -1.74 10.06
C ALA E 211 29.86 -0.72 10.34
N HIS E 212 28.94 -1.10 11.20
CA HIS E 212 27.90 -0.20 11.71
C HIS E 212 28.31 0.45 13.03
N GLY E 213 28.72 1.72 12.98
CA GLY E 213 29.26 2.41 14.14
C GLY E 213 30.21 3.49 13.65
N ASN E 214 31.04 4.04 14.54
CA ASN E 214 31.84 5.22 14.18
C ASN E 214 32.88 4.96 13.09
N LYS E 215 33.20 3.70 12.82
CA LYS E 215 34.18 3.41 11.76
C LYS E 215 33.51 3.14 10.42
N MET E 216 32.21 3.40 10.31
CA MET E 216 31.48 3.16 9.06
C MET E 216 32.20 3.87 7.90
N VAL E 217 32.19 3.25 6.72
CA VAL E 217 32.91 3.76 5.58
C VAL E 217 31.96 4.40 4.58
N LEU E 218 31.98 5.73 4.51
CA LEU E 218 31.09 6.44 3.61
C LEU E 218 31.79 6.67 2.26
N LEU E 219 31.21 6.13 1.20
CA LEU E 219 31.86 6.11 -0.13
C LEU E 219 31.31 7.21 -1.05
N LYS E 220 31.96 8.38 -1.00
CA LYS E 220 31.53 9.52 -1.79
C LYS E 220 31.43 9.19 -3.27
N ARG E 221 32.37 8.39 -3.75
CA ARG E 221 32.43 7.97 -5.15
C ARG E 221 31.15 7.28 -5.64
N TYR E 222 30.46 6.60 -4.72
CA TYR E 222 29.29 5.80 -5.08
C TYR E 222 27.95 6.48 -4.82
N ILE E 223 27.93 7.80 -4.64
CA ILE E 223 26.66 8.46 -4.39
C ILE E 223 26.08 8.92 -5.71
N THR E 224 24.80 8.58 -5.92
CA THR E 224 24.08 9.05 -7.10
C THR E 224 22.76 9.68 -6.69
N VAL E 225 22.24 10.54 -7.56
CA VAL E 225 20.98 11.24 -7.33
C VAL E 225 20.14 11.06 -8.57
N GLY E 226 19.03 10.33 -8.46
CA GLY E 226 18.26 9.96 -9.63
C GLY E 226 19.11 9.20 -10.63
N GLY E 227 20.11 8.48 -10.13
CA GLY E 227 20.97 7.67 -10.97
C GLY E 227 22.14 8.45 -11.56
N ILE E 228 22.20 9.75 -11.24
CA ILE E 228 23.26 10.66 -11.74
C ILE E 228 24.37 10.80 -10.69
N PRO E 229 25.65 10.70 -11.10
CA PRO E 229 26.73 10.88 -10.12
C PRO E 229 26.62 12.19 -9.33
N LEU E 230 26.80 12.12 -8.00
CA LEU E 230 26.75 13.31 -7.15
C LEU E 230 27.68 14.44 -7.65
N GLN E 231 28.82 14.02 -8.20
CA GLN E 231 29.81 15.00 -8.68
C GLN E 231 29.23 15.95 -9.72
N GLU E 232 28.22 15.53 -10.46
CA GLU E 232 27.65 16.45 -11.44
C GLU E 232 26.94 17.58 -10.70
N PHE E 233 26.29 17.27 -9.58
CA PHE E 233 25.63 18.30 -8.78
C PHE E 233 26.65 19.19 -8.07
N ILE E 234 27.75 18.60 -7.65
CA ILE E 234 28.86 19.41 -7.10
C ILE E 234 29.45 20.38 -8.16
N ASN E 235 29.68 19.89 -9.37
CA ASN E 235 30.16 20.70 -10.48
C ASN E 235 29.18 21.84 -10.79
N ASN E 236 27.89 21.57 -10.65
CA ASN E 236 26.85 22.57 -10.91
C ASN E 236 26.59 23.49 -9.73
N LYS E 237 27.39 23.35 -8.68
CA LYS E 237 27.27 24.18 -7.47
C LYS E 237 25.89 24.10 -6.80
N LYS E 238 25.30 22.90 -6.83
CA LYS E 238 24.04 22.64 -6.14
C LYS E 238 24.34 22.21 -4.71
N ILE E 239 25.58 21.79 -4.51
CA ILE E 239 26.05 21.33 -3.21
C ILE E 239 27.57 21.33 -3.29
N THR E 240 28.25 21.73 -2.22
CA THR E 240 29.70 21.81 -2.21
C THR E 240 30.34 20.60 -1.56
N ASP E 241 31.64 20.41 -1.82
CA ASP E 241 32.38 19.33 -1.17
C ASP E 241 32.35 19.46 0.35
N GLU E 242 32.41 20.71 0.82
CA GLU E 242 32.35 20.98 2.25
C GLU E 242 31.01 20.58 2.85
N GLU E 243 29.92 20.90 2.15
CA GLU E 243 28.58 20.52 2.61
C GLU E 243 28.43 19.00 2.64
N VAL E 244 28.98 18.32 1.64
CA VAL E 244 28.97 16.86 1.61
C VAL E 244 29.74 16.30 2.82
N GLU E 245 30.91 16.87 3.12
CA GLU E 245 31.63 16.43 4.31
C GLU E 245 30.81 16.64 5.60
N GLY E 246 30.12 17.78 5.68
CA GLY E 246 29.26 18.05 6.83
C GLY E 246 28.17 16.99 6.98
N ILE E 247 27.58 16.60 5.85
CA ILE E 247 26.55 15.55 5.83
C ILE E 247 27.11 14.17 6.21
N PHE E 248 28.33 13.86 5.75
CA PHE E 248 28.99 12.62 6.16
C PHE E 248 29.16 12.57 7.67
N ASP E 249 29.65 13.68 8.23
CA ASP E 249 29.81 13.75 9.69
C ASP E 249 28.46 13.59 10.39
N ARG E 250 27.43 14.23 9.87
CA ARG E 250 26.11 14.13 10.49
C ARG E 250 25.59 12.69 10.45
N THR E 251 25.86 12.01 9.35
CA THR E 251 25.46 10.61 9.18
C THR E 251 26.14 9.77 10.25
N VAL E 252 27.45 9.94 10.41
CA VAL E 252 28.14 9.22 11.47
C VAL E 252 27.58 9.58 12.86
N ASN E 253 27.24 10.86 13.05
CA ASN E 253 26.85 11.37 14.37
C ASN E 253 25.36 11.32 14.69
N THR E 254 24.56 10.78 13.78
CA THR E 254 23.10 10.87 13.89
C THR E 254 22.53 10.27 15.19
N ALA E 255 23.01 9.07 15.57
CA ALA E 255 22.50 8.44 16.79
C ALA E 255 22.78 9.33 18.01
N LEU E 256 23.99 9.85 18.07
CA LEU E 256 24.36 10.77 19.12
C LEU E 256 23.53 12.06 19.07
N GLU E 257 23.25 12.55 17.87
CA GLU E 257 22.48 13.80 17.74
C GLU E 257 21.08 13.59 18.33
N ILE E 258 20.50 12.43 18.04
CA ILE E 258 19.16 12.11 18.52
C ILE E 258 19.16 11.90 20.03
N VAL E 259 20.14 11.17 20.55
CA VAL E 259 20.25 10.98 22.01
C VAL E 259 20.46 12.32 22.73
N ASN E 260 21.28 13.20 22.16
CA ASN E 260 21.49 14.53 22.74
C ASN E 260 20.22 15.36 22.81
N LEU E 261 19.29 15.10 21.90
CA LEU E 261 18.02 15.81 21.89
C LEU E 261 16.96 15.14 22.77
N LEU E 262 17.40 14.24 23.65
CA LEU E 262 16.54 13.57 24.62
C LEU E 262 15.51 12.66 23.95
N ALA E 263 15.93 12.02 22.86
CA ALA E 263 15.12 10.99 22.25
C ALA E 263 16.01 9.80 22.03
N SER E 264 15.51 8.79 21.32
CA SER E 264 16.33 7.61 21.03
C SER E 264 15.94 7.12 19.63
N PRO E 265 16.92 6.63 18.84
CA PRO E 265 16.57 6.21 17.48
C PRO E 265 15.88 4.86 17.49
N TYR E 266 14.61 4.81 17.10
CA TYR E 266 13.99 3.52 16.94
C TYR E 266 13.06 3.40 15.73
N VAL E 267 12.54 4.51 15.22
CA VAL E 267 11.63 4.43 14.09
C VAL E 267 12.38 4.03 12.81
N ALA E 268 13.44 4.77 12.47
CA ALA E 268 14.21 4.41 11.28
C ALA E 268 14.90 3.03 11.40
N PRO E 269 15.52 2.72 12.57
CA PRO E 269 16.04 1.33 12.69
C PRO E 269 14.98 0.25 12.41
N ALA E 270 13.80 0.40 13.01
CA ALA E 270 12.76 -0.59 12.80
C ALA E 270 12.36 -0.67 11.33
N ALA E 271 12.21 0.48 10.69
CA ALA E 271 11.85 0.46 9.26
C ALA E 271 12.92 -0.24 8.42
N ALA E 272 14.19 0.01 8.72
CA ALA E 272 15.29 -0.62 7.98
C ALA E 272 15.26 -2.16 8.14
N ILE E 273 15.07 -2.58 9.39
CA ILE E 273 15.00 -4.02 9.68
C ILE E 273 13.83 -4.67 8.93
N ILE E 274 12.68 -4.00 8.95
CA ILE E 274 11.53 -4.58 8.28
C ILE E 274 11.74 -4.58 6.76
N GLU E 275 12.44 -3.60 6.22
CA GLU E 275 12.75 -3.65 4.79
C GLU E 275 13.59 -4.90 4.46
N MET E 276 14.58 -5.17 5.31
CA MET E 276 15.38 -6.40 5.11
C MET E 276 14.52 -7.70 5.20
N ALA E 277 13.76 -7.78 6.29
CA ALA E 277 12.94 -8.98 6.54
C ALA E 277 11.95 -9.20 5.40
N GLU E 278 11.34 -8.10 4.94
CA GLU E 278 10.34 -8.19 3.87
C GLU E 278 10.97 -8.63 2.57
N SER E 279 12.18 -8.14 2.28
CA SER E 279 12.87 -8.63 1.08
C SER E 279 13.08 -10.15 1.14
N TYR E 280 13.39 -10.67 2.33
CA TYR E 280 13.41 -12.14 2.48
C TYR E 280 12.04 -12.83 2.30
N LEU E 281 11.05 -12.35 3.03
CA LEU E 281 9.73 -13.02 3.08
C LEU E 281 8.98 -12.99 1.76
N LYS E 282 9.24 -11.97 0.95
CA LYS E 282 8.54 -11.83 -0.34
C LYS E 282 9.46 -12.09 -1.52
N ASP E 283 10.69 -12.55 -1.22
CA ASP E 283 11.65 -12.89 -2.26
C ASP E 283 11.84 -11.74 -3.25
N ILE E 284 12.14 -10.56 -2.73
CA ILE E 284 12.17 -9.38 -3.58
C ILE E 284 13.53 -9.22 -4.27
N LYS E 285 14.58 -9.75 -3.63
CA LYS E 285 15.95 -9.68 -4.15
C LYS E 285 16.45 -8.25 -4.25
N LYS E 286 16.09 -7.45 -3.25
CA LYS E 286 16.67 -6.12 -3.10
C LYS E 286 18.17 -6.20 -2.82
N VAL E 287 18.90 -5.21 -3.34
CA VAL E 287 20.28 -5.00 -2.95
C VAL E 287 20.29 -4.13 -1.70
N LEU E 288 20.76 -4.69 -0.59
CA LEU E 288 20.75 -4.03 0.69
C LEU E 288 22.10 -4.22 1.37
N VAL E 289 22.65 -3.15 1.93
CA VAL E 289 23.93 -3.27 2.63
C VAL E 289 23.73 -3.77 4.04
N CYS E 290 24.26 -4.95 4.33
CA CYS E 290 24.10 -5.56 5.65
C CYS E 290 25.41 -6.22 6.05
N SER E 291 25.50 -6.60 7.32
CA SER E 291 26.68 -7.28 7.85
C SER E 291 26.57 -8.77 7.55
N THR E 292 27.61 -9.32 6.96
CA THR E 292 27.57 -10.70 6.50
C THR E 292 28.96 -11.31 6.67
N LEU E 293 29.03 -12.65 6.72
CA LEU E 293 30.31 -13.33 6.88
C LEU E 293 31.20 -13.10 5.67
N LEU E 294 32.41 -12.57 5.90
CA LEU E 294 33.36 -12.36 4.82
C LEU E 294 34.25 -13.58 4.70
N GLU E 295 34.46 -14.02 3.47
CA GLU E 295 35.27 -15.19 3.17
C GLU E 295 36.34 -14.82 2.14
N GLY E 296 37.05 -13.74 2.39
CA GLY E 296 38.09 -13.30 1.45
C GLY E 296 37.83 -11.93 0.86
N GLN E 297 36.56 -11.52 0.81
CA GLN E 297 36.20 -10.22 0.24
C GLN E 297 36.91 -9.10 1.01
N TYR E 298 37.38 -8.11 0.27
CA TYR E 298 38.12 -6.99 0.87
C TYR E 298 39.35 -7.44 1.63
N GLY E 299 39.76 -8.69 1.43
CA GLY E 299 40.95 -9.24 2.06
C GLY E 299 40.75 -9.70 3.49
N HIS E 300 39.53 -10.06 3.85
CA HIS E 300 39.26 -10.50 5.21
C HIS E 300 38.44 -11.78 5.26
N SER E 301 38.70 -12.59 6.28
CA SER E 301 37.96 -13.83 6.50
C SER E 301 37.66 -14.02 7.98
N ASN E 302 36.72 -14.92 8.27
CA ASN E 302 36.39 -15.27 9.65
C ASN E 302 35.97 -14.03 10.43
N ILE E 303 35.30 -13.10 9.75
CA ILE E 303 34.80 -11.89 10.38
C ILE E 303 33.57 -11.42 9.62
N PHE E 304 32.65 -10.73 10.29
CA PHE E 304 31.48 -10.17 9.60
C PHE E 304 31.73 -8.71 9.29
N GLY E 305 31.24 -8.26 8.14
CA GLY E 305 31.32 -6.85 7.81
C GLY E 305 30.21 -6.39 6.89
N GLY E 306 29.98 -5.08 6.85
CA GLY E 306 28.95 -4.49 6.03
C GLY E 306 29.32 -4.42 4.55
N THR E 307 28.45 -4.98 3.72
CA THR E 307 28.68 -4.94 2.27
C THR E 307 27.31 -5.08 1.58
N PRO E 308 27.20 -4.57 0.34
CA PRO E 308 25.96 -4.83 -0.41
C PRO E 308 25.74 -6.33 -0.61
N LEU E 309 24.50 -6.74 -0.36
CA LEU E 309 24.06 -8.14 -0.42
C LEU E 309 22.76 -8.17 -1.20
N VAL E 310 22.39 -9.33 -1.75
CA VAL E 310 21.07 -9.47 -2.32
C VAL E 310 20.26 -10.35 -1.38
N ILE E 311 19.12 -9.84 -0.92
CA ILE E 311 18.29 -10.60 0.02
C ILE E 311 17.09 -11.15 -0.72
N GLY E 312 17.00 -12.48 -0.85
CA GLY E 312 15.87 -13.12 -1.50
C GLY E 312 15.26 -14.23 -0.66
N GLY E 313 14.43 -15.06 -1.29
CA GLY E 313 13.70 -16.10 -0.56
C GLY E 313 14.56 -17.18 0.07
N THR E 314 15.79 -17.33 -0.40
CA THR E 314 16.70 -18.30 0.21
C THR E 314 17.71 -17.65 1.17
N GLY E 315 17.52 -16.36 1.43
CA GLY E 315 18.39 -15.64 2.35
C GLY E 315 19.35 -14.76 1.58
N VAL E 316 20.61 -14.71 2.01
CA VAL E 316 21.62 -13.98 1.26
C VAL E 316 21.90 -14.70 -0.05
N GLU E 317 21.45 -14.14 -1.16
CA GLU E 317 21.63 -14.85 -2.43
C GLU E 317 22.92 -14.45 -3.12
N GLN E 318 23.39 -13.24 -2.87
CA GLN E 318 24.67 -12.78 -3.43
C GLN E 318 25.36 -11.87 -2.42
N VAL E 319 26.68 -11.99 -2.30
CA VAL E 319 27.47 -11.02 -1.56
C VAL E 319 28.26 -10.24 -2.61
N ILE E 320 27.98 -8.96 -2.72
CA ILE E 320 28.65 -8.15 -3.74
C ILE E 320 29.88 -7.48 -3.15
N GLU E 321 31.04 -7.74 -3.75
CA GLU E 321 32.28 -7.11 -3.31
C GLU E 321 32.55 -5.87 -4.16
N LEU E 322 32.55 -4.71 -3.51
CA LEU E 322 32.84 -3.45 -4.20
C LEU E 322 34.30 -3.39 -4.61
N GLN E 323 34.55 -2.83 -5.79
CA GLN E 323 35.93 -2.67 -6.28
C GLN E 323 36.49 -1.37 -5.73
N LEU E 324 36.87 -1.41 -4.46
CA LEU E 324 37.30 -0.22 -3.72
C LEU E 324 38.70 0.18 -4.16
N ASN E 325 39.00 1.49 -4.14
CA ASN E 325 40.37 1.93 -4.39
C ASN E 325 41.18 1.86 -3.09
N ALA E 326 42.46 2.23 -3.13
CA ALA E 326 43.34 2.05 -1.96
C ALA E 326 42.83 2.72 -0.66
N GLU E 327 42.45 3.99 -0.74
CA GLU E 327 41.99 4.72 0.46
C GLU E 327 40.73 4.09 1.07
N GLU E 328 39.80 3.76 0.18
CA GLU E 328 38.54 3.13 0.58
C GLU E 328 38.80 1.78 1.27
N LYS E 329 39.70 0.99 0.69
CA LYS E 329 40.02 -0.32 1.23
C LYS E 329 40.68 -0.16 2.58
N THR E 330 41.51 0.87 2.74
CA THR E 330 42.11 1.16 4.04
C THR E 330 41.05 1.47 5.10
N LYS E 331 40.04 2.28 4.74
CA LYS E 331 38.98 2.57 5.70
C LYS E 331 38.17 1.32 6.07
N PHE E 332 37.93 0.47 5.07
CA PHE E 332 37.29 -0.82 5.31
C PHE E 332 38.10 -1.64 6.33
N ASP E 333 39.42 -1.72 6.08
CA ASP E 333 40.36 -2.38 6.97
C ASP E 333 40.23 -1.87 8.40
N GLU E 334 40.13 -0.56 8.55
CA GLU E 334 40.04 0.01 9.90
C GLU E 334 38.73 -0.38 10.58
N ALA E 335 37.64 -0.41 9.81
CA ALA E 335 36.35 -0.85 10.37
C ALA E 335 36.41 -2.30 10.89
N VAL E 336 36.93 -3.16 10.03
CA VAL E 336 37.08 -4.58 10.38
C VAL E 336 38.01 -4.76 11.57
N ALA E 337 39.10 -3.97 11.62
CA ALA E 337 40.03 -4.04 12.72
C ALA E 337 39.36 -3.69 14.04
N GLU E 338 38.45 -2.71 14.01
CA GLU E 338 37.75 -2.37 15.25
C GLU E 338 36.77 -3.50 15.68
N THR E 339 36.09 -4.07 14.70
CA THR E 339 35.27 -5.26 14.98
C THR E 339 36.09 -6.38 15.65
N LYS E 340 37.26 -6.69 15.09
CA LYS E 340 38.15 -7.71 15.66
C LYS E 340 38.61 -7.35 17.07
N ARG E 341 38.94 -6.08 17.28
CA ARG E 341 39.36 -5.62 18.60
C ARG E 341 38.28 -5.94 19.62
N MET E 342 37.05 -5.57 19.32
CA MET E 342 35.97 -5.84 20.26
C MET E 342 35.67 -7.32 20.42
N LYS E 343 35.74 -8.07 19.33
CA LYS E 343 35.50 -9.51 19.40
C LYS E 343 36.50 -10.18 20.33
N ALA E 344 37.73 -9.66 20.37
CA ALA E 344 38.75 -10.22 21.26
C ALA E 344 38.47 -10.01 22.76
N LEU E 345 37.47 -9.20 23.09
CA LEU E 345 37.18 -8.86 24.48
C LEU E 345 35.97 -9.57 25.12
N ILE E 346 35.48 -10.63 24.49
CA ILE E 346 34.28 -11.27 25.03
C ILE E 346 34.63 -12.23 26.16
#